data_7ZUC
#
_entry.id   7ZUC
#
_cell.length_a   85.259
_cell.length_b   85.259
_cell.length_c   213.486
_cell.angle_alpha   90.000
_cell.angle_beta   90.000
_cell.angle_gamma   120.000
#
_symmetry.space_group_name_H-M   'P 32 1 2'
#
loop_
_entity.id
_entity.type
_entity.pdbx_description
1 polymer 'MHC class I antigen'
2 polymer Beta-2-microglobulin
3 polymer LEU-LEU-LEU-GLY-ILE-GLY-ILE-LEU-VAL
4 non-polymer 1,2-ETHANEDIOL
5 water water
#
loop_
_entity_poly.entity_id
_entity_poly.type
_entity_poly.pdbx_seq_one_letter_code
_entity_poly.pdbx_strand_id
1 'polypeptide(L)'
;GSHSMRYFFTSVSRPGRGEPRFIAVGYVDDTQFVRFDSDAASQRMEPRAPWIEQEGPEYWDGETRKVKAHSQTHRVDLGT
LRGYYNQSEAGSHTVQRMYGCDVGSDWRFLRGYHQYAYDGKDYIALKEDLRSWTAADMAAQTTKHKWEAAHVAEQLRAYL
EGTCVEWLRRYLENGKETLQRTDAPKTHMTHHAVSDHEATLRCWALSFYPAEITLTWQRDGEDQTQDTELVETRPAGDGT
FQKWAAVVVPSGQEQRYTCHVQHEGLPKPLTLRWEP
;
A,D
2 'polypeptide(L)'
;MIQRTPKIQVYSRHPAENGKSNFLNCYVSGFHPSDIEVDLLKNGERIEKVEHSDLSFSKDWSFYLLYYTEFTPTEKDEYA
CRVNHVTLSQPKIVKWDRDM
;
B,E
3 'polypeptide(L)' LLLGIGILV C,F
#
# COMPACT_ATOMS: atom_id res chain seq x y z
N GLY A 1 27.56 -10.72 -19.71
CA GLY A 1 27.94 -12.10 -19.34
C GLY A 1 28.22 -12.22 -17.85
N SER A 2 28.95 -11.27 -17.28
CA SER A 2 29.44 -11.28 -15.87
C SER A 2 28.34 -10.73 -14.94
N HIS A 3 28.17 -11.29 -13.74
CA HIS A 3 27.02 -10.93 -12.85
C HIS A 3 27.45 -10.88 -11.41
N SER A 4 26.63 -10.28 -10.56
CA SER A 4 26.90 -10.12 -9.11
C SER A 4 25.60 -10.19 -8.34
N MET A 5 25.66 -10.79 -7.15
CA MET A 5 24.62 -10.72 -6.11
C MET A 5 25.23 -10.04 -4.86
N ARG A 6 24.53 -9.06 -4.31
CA ARG A 6 25.02 -8.20 -3.23
C ARG A 6 23.93 -7.99 -2.22
N TYR A 7 24.27 -8.09 -0.94
CA TYR A 7 23.39 -7.66 0.15
C TYR A 7 24.06 -6.45 0.79
N PHE A 8 23.26 -5.42 1.04
CA PHE A 8 23.67 -4.15 1.65
C PHE A 8 22.86 -3.95 2.93
N PHE A 9 23.55 -3.85 4.06
CA PHE A 9 22.92 -3.66 5.39
C PHE A 9 23.41 -2.36 6.04
N THR A 10 22.46 -1.50 6.39
CA THR A 10 22.68 -0.26 7.14
C THR A 10 22.03 -0.36 8.52
N SER A 11 22.83 -0.15 9.56
CA SER A 11 22.42 -0.15 10.98
C SER A 11 22.75 1.21 11.61
N VAL A 12 21.74 1.97 12.02
CA VAL A 12 21.88 3.37 12.50
C VAL A 12 21.35 3.45 13.93
N SER A 13 22.20 3.66 14.91
CA SER A 13 21.73 4.10 16.25
C SER A 13 21.36 5.55 16.05
N ARG A 14 20.25 5.97 16.57
CA ARG A 14 19.92 7.39 16.39
C ARG A 14 20.33 8.10 17.68
N PRO A 15 20.23 9.43 17.72
CA PRO A 15 20.62 10.15 18.93
C PRO A 15 19.88 9.49 20.10
N GLY A 16 20.53 9.40 21.25
CA GLY A 16 19.94 8.83 22.47
C GLY A 16 19.92 7.32 22.43
N ARG A 17 19.01 6.71 23.20
CA ARG A 17 18.98 5.26 23.50
C ARG A 17 17.71 4.60 22.92
N GLY A 18 17.20 5.05 21.77
CA GLY A 18 16.05 4.43 21.07
C GLY A 18 16.49 3.18 20.31
N GLU A 19 15.58 2.46 19.69
CA GLU A 19 15.94 1.26 18.91
C GLU A 19 16.59 1.70 17.62
N PRO A 20 17.66 1.01 17.18
CA PRO A 20 18.39 1.43 15.99
C PRO A 20 17.60 1.07 14.73
N ARG A 21 17.83 1.78 13.65
CA ARG A 21 17.30 1.42 12.32
C ARG A 21 18.15 0.27 11.74
N PHE A 22 17.49 -0.70 11.13
CA PHE A 22 18.11 -1.78 10.34
C PHE A 22 17.39 -1.87 9.01
N ILE A 23 18.16 -1.77 7.92
CA ILE A 23 17.64 -1.98 6.57
C ILE A 23 18.59 -2.92 5.82
N ALA A 24 18.00 -3.92 5.18
CA ALA A 24 18.68 -4.90 4.31
C ALA A 24 18.06 -4.79 2.92
N VAL A 25 18.92 -4.74 1.90
CA VAL A 25 18.50 -4.74 0.46
C VAL A 25 19.40 -5.73 -0.26
N GLY A 26 18.79 -6.59 -1.09
CA GLY A 26 19.50 -7.52 -1.97
C GLY A 26 19.38 -7.10 -3.41
N TYR A 27 20.51 -7.18 -4.12
CA TYR A 27 20.64 -6.84 -5.54
C TYR A 27 21.20 -8.03 -6.30
N VAL A 28 20.68 -8.23 -7.51
CA VAL A 28 21.39 -8.96 -8.58
C VAL A 28 21.75 -7.92 -9.63
N ASP A 29 23.05 -7.72 -9.88
CA ASP A 29 23.53 -6.63 -10.77
C ASP A 29 22.91 -5.34 -10.24
N ASP A 30 22.15 -4.61 -11.08
CA ASP A 30 21.58 -3.27 -10.72
C ASP A 30 20.09 -3.40 -10.46
N THR A 31 19.60 -4.60 -10.12
CA THR A 31 18.16 -4.86 -9.85
C THR A 31 17.98 -5.30 -8.40
N GLN A 32 17.35 -4.46 -7.60
CA GLN A 32 16.92 -4.83 -6.22
C GLN A 32 15.86 -5.94 -6.31
N PHE A 33 15.95 -6.96 -5.46
CA PHE A 33 14.97 -8.09 -5.52
C PHE A 33 14.37 -8.36 -4.14
N VAL A 34 15.01 -7.93 -3.04
CA VAL A 34 14.47 -8.10 -1.65
C VAL A 34 14.82 -6.89 -0.81
N ARG A 35 14.02 -6.69 0.22
CA ARG A 35 14.14 -5.60 1.21
C ARG A 35 13.63 -6.08 2.56
N PHE A 36 14.19 -5.47 3.60
CA PHE A 36 13.64 -5.44 4.98
C PHE A 36 14.10 -4.12 5.60
N ASP A 37 13.16 -3.33 6.11
CA ASP A 37 13.45 -2.00 6.69
C ASP A 37 12.63 -1.81 7.98
N SER A 38 13.31 -1.70 9.12
CA SER A 38 12.70 -1.46 10.45
C SER A 38 11.92 -0.14 10.43
N ASP A 39 12.36 0.86 9.62
CA ASP A 39 11.67 2.19 9.55
C ASP A 39 10.37 2.05 8.77
N ALA A 40 10.21 1.02 7.95
CA ALA A 40 8.96 0.71 7.22
C ALA A 40 8.15 -0.37 7.97
N ALA A 41 8.58 -0.75 9.20
CA ALA A 41 7.91 -1.74 10.07
C ALA A 41 7.86 -3.11 9.37
N SER A 42 8.92 -3.49 8.66
CA SER A 42 9.01 -4.80 7.96
C SER A 42 8.92 -5.92 9.02
N GLN A 43 8.14 -6.95 8.76
CA GLN A 43 8.11 -8.18 9.61
C GLN A 43 8.70 -9.34 8.83
N ARG A 44 8.79 -9.23 7.51
CA ARG A 44 9.28 -10.28 6.60
C ARG A 44 10.26 -9.67 5.60
N MET A 45 11.22 -10.48 5.15
CA MET A 45 11.94 -10.21 3.89
C MET A 45 10.87 -10.15 2.81
N GLU A 46 10.76 -9.03 2.09
CA GLU A 46 9.71 -8.76 1.07
C GLU A 46 10.33 -8.82 -0.32
N PRO A 47 9.60 -9.32 -1.34
CA PRO A 47 10.08 -9.27 -2.72
C PRO A 47 10.02 -7.83 -3.27
N ARG A 48 10.91 -7.51 -4.22
CA ARG A 48 10.87 -6.20 -4.94
C ARG A 48 10.88 -6.40 -6.43
N ALA A 49 10.81 -7.64 -6.89
CA ALA A 49 10.80 -8.00 -8.32
C ALA A 49 9.89 -9.22 -8.47
N PRO A 50 9.11 -9.32 -9.55
CA PRO A 50 8.11 -10.37 -9.67
C PRO A 50 8.76 -11.77 -9.70
N TRP A 51 9.94 -11.89 -10.31
CA TRP A 51 10.60 -13.21 -10.49
C TRP A 51 10.95 -13.84 -9.13
N ILE A 52 11.21 -13.05 -8.07
CA ILE A 52 11.58 -13.63 -6.74
C ILE A 52 10.29 -13.98 -5.97
N GLU A 53 9.14 -13.36 -6.28
CA GLU A 53 7.83 -13.69 -5.66
C GLU A 53 7.50 -15.15 -5.91
N GLN A 54 8.03 -15.74 -6.99
CA GLN A 54 7.74 -17.14 -7.38
C GLN A 54 8.32 -18.12 -6.36
N GLU A 55 9.34 -17.74 -5.59
CA GLU A 55 9.90 -18.63 -4.54
C GLU A 55 8.80 -18.94 -3.51
N GLY A 56 8.79 -20.14 -2.96
CA GLY A 56 7.70 -20.62 -2.08
C GLY A 56 7.86 -20.16 -0.64
N PRO A 57 6.89 -20.54 0.25
CA PRO A 57 6.91 -20.11 1.65
C PRO A 57 8.20 -20.47 2.41
N GLU A 58 8.81 -21.62 2.14
CA GLU A 58 10.03 -22.05 2.87
C GLU A 58 11.18 -21.08 2.56
N TYR A 59 11.28 -20.56 1.32
CA TYR A 59 12.30 -19.56 0.92
C TYR A 59 12.11 -18.32 1.78
N TRP A 60 10.88 -17.80 1.82
CA TRP A 60 10.52 -16.53 2.48
C TRP A 60 10.63 -16.65 4.01
N ASP A 61 10.22 -17.77 4.59
CA ASP A 61 10.38 -18.05 6.05
C ASP A 61 11.87 -18.02 6.38
N GLY A 62 12.69 -18.75 5.61
CA GLY A 62 14.14 -18.83 5.79
C GLY A 62 14.79 -17.45 5.68
N GLU A 63 14.46 -16.69 4.64
CA GLU A 63 15.08 -15.36 4.41
C GLU A 63 14.65 -14.39 5.53
N THR A 64 13.40 -14.49 5.98
CA THR A 64 12.87 -13.69 7.10
C THR A 64 13.67 -14.05 8.37
N ARG A 65 13.84 -15.34 8.68
CA ARG A 65 14.60 -15.77 9.88
C ARG A 65 16.02 -15.19 9.79
N LYS A 66 16.67 -15.31 8.64
CA LYS A 66 18.09 -14.91 8.50
C LYS A 66 18.21 -13.38 8.59
N VAL A 67 17.27 -12.64 8.04
CA VAL A 67 17.39 -11.15 8.01
C VAL A 67 17.15 -10.66 9.43
N LYS A 68 16.26 -11.31 10.17
CA LYS A 68 16.01 -10.96 11.59
C LYS A 68 17.27 -11.28 12.41
N ALA A 69 17.94 -12.38 12.11
CA ALA A 69 19.21 -12.79 12.74
C ALA A 69 20.26 -11.71 12.46
N HIS A 70 20.35 -11.20 11.22
CA HIS A 70 21.32 -10.14 10.86
C HIS A 70 21.00 -8.89 11.68
N SER A 71 19.73 -8.55 11.81
CA SER A 71 19.26 -7.37 12.59
C SER A 71 19.82 -7.46 14.02
N GLN A 72 19.76 -8.66 14.59
CA GLN A 72 20.18 -8.94 15.98
C GLN A 72 21.69 -8.72 16.10
N THR A 73 22.50 -9.27 15.19
CA THR A 73 23.99 -9.16 15.24
C THR A 73 24.41 -7.70 15.02
N HIS A 74 23.72 -6.94 14.21
CA HIS A 74 23.99 -5.48 14.05
C HIS A 74 23.68 -4.74 15.36
N ARG A 75 22.65 -5.16 16.08
CA ARG A 75 22.26 -4.50 17.35
C ARG A 75 23.40 -4.72 18.36
N VAL A 76 23.99 -5.90 18.39
CA VAL A 76 25.17 -6.20 19.24
C VAL A 76 26.35 -5.33 18.77
N ASP A 77 26.62 -5.33 17.48
CA ASP A 77 27.78 -4.66 16.84
C ASP A 77 27.82 -3.19 17.26
N LEU A 78 26.67 -2.52 17.23
CA LEU A 78 26.57 -1.09 17.62
C LEU A 78 27.11 -0.91 19.04
N GLY A 79 26.70 -1.74 19.98
CA GLY A 79 27.22 -1.67 21.36
C GLY A 79 28.70 -2.00 21.42
N THR A 80 29.14 -3.02 20.67
CA THR A 80 30.55 -3.46 20.69
C THR A 80 31.45 -2.31 20.25
N LEU A 81 31.04 -1.58 19.22
CA LEU A 81 31.88 -0.55 18.58
C LEU A 81 31.93 0.72 19.46
N ARG A 82 30.83 1.07 20.12
CA ARG A 82 30.80 2.11 21.18
C ARG A 82 31.92 1.81 22.18
N GLY A 83 31.98 0.55 22.64
CA GLY A 83 33.00 0.08 23.59
C GLY A 83 34.40 0.21 23.01
N TYR A 84 34.63 -0.28 21.78
CA TYR A 84 35.98 -0.30 21.15
C TYR A 84 36.51 1.13 20.99
N TYR A 85 35.65 2.10 20.69
CA TYR A 85 36.04 3.51 20.39
C TYR A 85 35.72 4.43 21.58
N ASN A 86 35.35 3.86 22.71
CA ASN A 86 35.04 4.62 23.95
C ASN A 86 34.08 5.77 23.61
N GLN A 87 32.92 5.46 23.04
CA GLN A 87 31.89 6.46 22.69
C GLN A 87 30.67 6.30 23.59
N SER A 88 30.00 7.39 23.94
CA SER A 88 28.76 7.33 24.73
C SER A 88 27.59 6.83 23.86
N GLU A 89 26.50 6.45 24.51
CA GLU A 89 25.22 6.03 23.88
C GLU A 89 24.50 7.23 23.27
N ALA A 90 24.84 8.46 23.64
CA ALA A 90 24.08 9.68 23.25
C ALA A 90 24.19 9.96 21.74
N GLY A 91 25.27 9.54 21.08
CA GLY A 91 25.53 9.93 19.68
C GLY A 91 24.90 8.96 18.70
N SER A 92 24.72 9.38 17.47
CA SER A 92 24.25 8.54 16.35
C SER A 92 25.46 7.93 15.65
N HIS A 93 25.49 6.63 15.49
CA HIS A 93 26.57 5.90 14.80
C HIS A 93 25.98 5.00 13.70
N THR A 94 26.78 4.70 12.70
CA THR A 94 26.36 3.94 11.51
C THR A 94 27.28 2.76 11.27
N VAL A 95 26.73 1.55 11.21
CA VAL A 95 27.42 0.35 10.73
C VAL A 95 26.85 -0.01 9.36
N GLN A 96 27.74 -0.28 8.41
CA GLN A 96 27.35 -0.81 7.10
C GLN A 96 28.08 -2.12 6.88
N ARG A 97 27.40 -3.06 6.26
CA ARG A 97 27.95 -4.36 5.89
C ARG A 97 27.51 -4.67 4.47
N MET A 98 28.41 -5.24 3.69
CA MET A 98 28.14 -5.67 2.31
C MET A 98 28.80 -7.03 2.16
N TYR A 99 28.05 -7.98 1.65
CA TYR A 99 28.61 -9.29 1.24
C TYR A 99 27.97 -9.72 -0.06
N GLY A 100 28.67 -10.56 -0.79
CA GLY A 100 28.21 -10.99 -2.09
C GLY A 100 29.28 -11.71 -2.87
N CYS A 101 28.91 -12.11 -4.06
CA CYS A 101 29.77 -12.84 -5.01
C CYS A 101 29.54 -12.30 -6.41
N ASP A 102 30.59 -12.37 -7.22
CA ASP A 102 30.59 -12.12 -8.66
C ASP A 102 30.87 -13.43 -9.36
N VAL A 103 30.25 -13.62 -10.52
CA VAL A 103 30.58 -14.70 -11.47
C VAL A 103 31.05 -14.06 -12.78
N GLY A 104 31.93 -14.77 -13.49
CA GLY A 104 32.43 -14.39 -14.81
C GLY A 104 31.42 -14.75 -15.89
N SER A 105 31.84 -14.65 -17.16
CA SER A 105 31.01 -14.93 -18.36
C SER A 105 30.56 -16.40 -18.36
N ASP A 106 31.35 -17.28 -17.72
CA ASP A 106 31.11 -18.75 -17.63
C ASP A 106 30.30 -19.08 -16.37
N TRP A 107 29.91 -18.06 -15.60
CA TRP A 107 29.01 -18.18 -14.42
C TRP A 107 29.69 -18.90 -13.26
N ARG A 108 31.02 -19.03 -13.30
CA ARG A 108 31.80 -19.60 -12.18
C ARG A 108 32.27 -18.46 -11.27
N PHE A 109 32.47 -18.80 -10.00
CA PHE A 109 32.96 -17.88 -8.96
C PHE A 109 34.17 -17.10 -9.48
N LEU A 110 34.08 -15.78 -9.42
CA LEU A 110 35.16 -14.85 -9.78
C LEU A 110 35.66 -14.19 -8.50
N ARG A 111 34.77 -13.82 -7.61
CA ARG A 111 35.15 -12.99 -6.47
C ARG A 111 34.06 -12.99 -5.41
N GLY A 112 34.46 -12.90 -4.15
CA GLY A 112 33.56 -12.81 -2.99
C GLY A 112 33.90 -11.60 -2.18
N TYR A 113 32.93 -11.06 -1.44
CA TYR A 113 33.10 -9.88 -0.57
C TYR A 113 32.41 -10.11 0.75
N HIS A 114 32.95 -9.48 1.78
CA HIS A 114 32.38 -9.44 3.15
C HIS A 114 33.09 -8.36 3.94
N GLN A 115 32.48 -7.18 4.05
CA GLN A 115 33.22 -6.02 4.58
C GLN A 115 32.27 -5.09 5.33
N TYR A 116 32.84 -4.30 6.22
CA TYR A 116 32.10 -3.39 7.11
C TYR A 116 32.71 -2.00 7.06
N ALA A 117 31.87 -1.03 7.36
CA ALA A 117 32.24 0.36 7.61
C ALA A 117 31.64 0.79 8.93
N TYR A 118 32.29 1.73 9.60
CA TYR A 118 31.77 2.36 10.82
C TYR A 118 31.93 3.87 10.71
N ASP A 119 30.81 4.59 10.83
CA ASP A 119 30.75 6.06 10.80
C ASP A 119 31.43 6.54 9.52
N GLY A 120 31.14 5.89 8.40
CA GLY A 120 31.46 6.39 7.05
C GLY A 120 32.89 6.09 6.62
N LYS A 121 33.59 5.18 7.30
CA LYS A 121 34.98 4.79 6.93
C LYS A 121 35.14 3.27 7.07
N ASP A 122 36.04 2.69 6.30
CA ASP A 122 36.39 1.25 6.37
C ASP A 122 36.59 0.86 7.83
N TYR A 123 36.11 -0.32 8.19
CA TYR A 123 36.36 -0.98 9.48
C TYR A 123 37.19 -2.24 9.23
N ILE A 124 36.60 -3.25 8.57
CA ILE A 124 37.30 -4.53 8.28
C ILE A 124 36.74 -5.11 6.97
N ALA A 125 37.58 -5.80 6.21
CA ALA A 125 37.23 -6.37 4.91
C ALA A 125 37.88 -7.75 4.76
N LEU A 126 37.12 -8.72 4.26
CA LEU A 126 37.65 -10.01 3.81
C LEU A 126 38.47 -9.76 2.56
N LYS A 127 39.72 -10.19 2.53
CA LYS A 127 40.60 -10.04 1.36
C LYS A 127 40.16 -11.03 0.28
N GLU A 128 40.71 -10.87 -0.91
CA GLU A 128 40.34 -11.66 -2.10
C GLU A 128 40.63 -13.16 -1.88
N ASP A 129 41.68 -13.50 -1.13
CA ASP A 129 42.04 -14.90 -0.82
C ASP A 129 40.91 -15.58 -0.01
N LEU A 130 39.95 -14.80 0.52
CA LEU A 130 38.85 -15.31 1.38
C LEU A 130 39.42 -16.08 2.59
N ARG A 131 40.63 -15.72 3.06
CA ARG A 131 41.33 -16.41 4.17
C ARG A 131 41.88 -15.40 5.17
N SER A 132 42.02 -14.13 4.77
CA SER A 132 42.68 -13.07 5.56
C SER A 132 41.86 -11.78 5.52
N TRP A 133 42.13 -10.91 6.49
CA TRP A 133 41.34 -9.72 6.78
C TRP A 133 42.21 -8.46 6.67
N THR A 134 41.61 -7.35 6.24
CA THR A 134 42.21 -6.00 6.28
C THR A 134 41.47 -5.21 7.35
N ALA A 135 42.12 -5.03 8.49
CA ALA A 135 41.67 -4.18 9.61
C ALA A 135 42.16 -2.76 9.33
N ALA A 136 41.24 -1.81 9.24
CA ALA A 136 41.50 -0.43 8.81
C ALA A 136 42.21 0.35 9.92
N ASP A 137 42.03 -0.07 11.17
CA ASP A 137 42.56 0.67 12.34
C ASP A 137 42.78 -0.30 13.50
N MET A 138 43.30 0.20 14.61
CA MET A 138 43.62 -0.59 15.82
C MET A 138 42.38 -1.32 16.35
N ALA A 139 41.26 -0.64 16.49
CA ALA A 139 40.02 -1.24 17.01
C ALA A 139 39.63 -2.45 16.16
N ALA A 140 39.69 -2.33 14.84
CA ALA A 140 39.30 -3.43 13.91
C ALA A 140 40.26 -4.63 14.05
N GLN A 141 41.49 -4.44 14.52
CA GLN A 141 42.42 -5.57 14.75
C GLN A 141 41.83 -6.51 15.82
N THR A 142 41.08 -5.98 16.79
CA THR A 142 40.42 -6.81 17.82
C THR A 142 39.45 -7.75 17.12
N THR A 143 38.63 -7.20 16.22
CA THR A 143 37.67 -7.98 15.39
C THR A 143 38.43 -9.04 14.55
N LYS A 144 39.55 -8.65 13.94
CA LYS A 144 40.38 -9.52 13.08
C LYS A 144 40.92 -10.71 13.90
N HIS A 145 41.50 -10.47 15.08
CA HIS A 145 42.03 -11.55 15.97
C HIS A 145 40.87 -12.53 16.33
N LYS A 146 39.72 -12.00 16.74
CA LYS A 146 38.50 -12.78 17.09
C LYS A 146 38.11 -13.69 15.90
N TRP A 147 37.99 -13.11 14.72
CA TRP A 147 37.48 -13.80 13.49
C TRP A 147 38.51 -14.81 12.98
N GLU A 148 39.79 -14.57 13.21
CA GLU A 148 40.86 -15.55 12.88
C GLU A 148 40.76 -16.76 13.81
N ALA A 149 40.64 -16.54 15.11
CA ALA A 149 40.59 -17.62 16.12
C ALA A 149 39.32 -18.45 15.91
N ALA A 150 38.25 -17.86 15.38
CA ALA A 150 36.96 -18.55 15.18
C ALA A 150 36.83 -19.10 13.76
N HIS A 151 37.83 -18.90 12.90
CA HIS A 151 37.86 -19.42 11.50
C HIS A 151 36.61 -18.92 10.74
N VAL A 152 36.26 -17.66 10.93
CA VAL A 152 35.10 -17.02 10.25
C VAL A 152 35.37 -16.98 8.73
N ALA A 153 36.58 -16.67 8.27
CA ALA A 153 36.90 -16.57 6.82
C ALA A 153 36.56 -17.91 6.15
N GLU A 154 36.91 -19.04 6.78
CA GLU A 154 36.70 -20.39 6.21
C GLU A 154 35.20 -20.66 6.04
N GLN A 155 34.37 -20.23 6.98
CA GLN A 155 32.88 -20.39 6.91
C GLN A 155 32.32 -19.49 5.80
N LEU A 156 32.78 -18.24 5.74
CA LEU A 156 32.36 -17.29 4.68
C LEU A 156 32.73 -17.83 3.30
N ARG A 157 33.93 -18.41 3.17
CA ARG A 157 34.45 -18.96 1.90
C ARG A 157 33.45 -20.00 1.38
N ALA A 158 32.96 -20.89 2.26
CA ALA A 158 31.96 -21.92 1.89
C ALA A 158 30.75 -21.23 1.26
N TYR A 159 30.18 -20.19 1.87
CA TYR A 159 29.00 -19.46 1.35
C TYR A 159 29.34 -18.71 0.03
N LEU A 160 30.42 -17.93 0.01
CA LEU A 160 30.73 -17.00 -1.11
C LEU A 160 31.02 -17.81 -2.38
N GLU A 161 31.73 -18.94 -2.28
CA GLU A 161 32.14 -19.79 -3.43
C GLU A 161 31.07 -20.82 -3.78
N GLY A 162 30.15 -21.10 -2.87
CA GLY A 162 29.15 -22.16 -3.05
C GLY A 162 27.75 -21.58 -3.17
N THR A 163 27.06 -21.50 -2.04
CA THR A 163 25.66 -21.01 -1.91
C THR A 163 25.47 -19.75 -2.73
N CYS A 164 26.26 -18.71 -2.44
CA CYS A 164 26.10 -17.38 -3.06
C CYS A 164 26.01 -17.53 -4.58
N VAL A 165 26.95 -18.26 -5.18
CA VAL A 165 27.03 -18.41 -6.66
C VAL A 165 25.92 -19.35 -7.16
N GLU A 166 25.60 -20.41 -6.41
CA GLU A 166 24.55 -21.40 -6.81
C GLU A 166 23.20 -20.66 -6.86
N TRP A 167 22.92 -19.81 -5.90
CA TRP A 167 21.64 -19.06 -5.83
C TRP A 167 21.63 -17.90 -6.84
N LEU A 168 22.76 -17.24 -7.06
CA LEU A 168 22.88 -16.21 -8.11
C LEU A 168 22.51 -16.83 -9.47
N ARG A 169 23.00 -18.05 -9.77
CA ARG A 169 22.68 -18.73 -11.05
C ARG A 169 21.17 -19.03 -11.12
N ARG A 170 20.59 -19.51 -10.02
CA ARG A 170 19.14 -19.81 -9.94
C ARG A 170 18.34 -18.55 -10.30
N TYR A 171 18.66 -17.42 -9.66
CA TYR A 171 17.99 -16.11 -9.91
C TYR A 171 18.14 -15.71 -11.38
N LEU A 172 19.35 -15.78 -11.92
CA LEU A 172 19.65 -15.39 -13.33
C LEU A 172 18.80 -16.24 -14.29
N GLU A 173 18.53 -17.51 -13.96
CA GLU A 173 17.70 -18.40 -14.80
C GLU A 173 16.21 -18.11 -14.57
N ASN A 174 15.77 -17.93 -13.33
CA ASN A 174 14.34 -17.67 -12.99
C ASN A 174 13.93 -16.25 -13.42
N GLY A 175 14.80 -15.25 -13.20
CA GLY A 175 14.53 -13.85 -13.59
C GLY A 175 15.13 -13.51 -14.95
N LYS A 176 15.31 -14.50 -15.81
CA LYS A 176 16.03 -14.36 -17.10
C LYS A 176 15.61 -13.07 -17.82
N GLU A 177 14.30 -12.92 -18.11
CA GLU A 177 13.73 -11.80 -18.93
C GLU A 177 14.22 -10.45 -18.39
N THR A 178 14.32 -10.31 -17.08
CA THR A 178 14.68 -9.06 -16.36
C THR A 178 16.20 -8.92 -16.25
N LEU A 179 16.88 -9.97 -15.78
CA LEU A 179 18.28 -9.92 -15.30
C LEU A 179 19.26 -10.10 -16.45
N GLN A 180 18.92 -10.89 -17.46
CA GLN A 180 19.84 -11.21 -18.57
C GLN A 180 19.53 -10.34 -19.78
N ARG A 181 19.00 -9.15 -19.56
CA ARG A 181 18.68 -8.19 -20.65
C ARG A 181 19.69 -7.05 -20.62
N THR A 182 19.89 -6.41 -21.74
CA THR A 182 20.53 -5.08 -21.80
C THR A 182 19.55 -4.16 -22.52
N ASP A 183 19.30 -2.99 -21.98
CA ASP A 183 18.52 -1.94 -22.64
C ASP A 183 19.54 -0.90 -23.10
N ALA A 184 19.73 -0.79 -24.39
CA ALA A 184 20.67 0.15 -25.00
C ALA A 184 20.24 1.56 -24.67
N PRO A 185 21.18 2.47 -24.38
CA PRO A 185 20.83 3.86 -24.15
C PRO A 185 20.18 4.49 -25.40
N LYS A 186 19.08 5.23 -25.19
CA LYS A 186 18.52 6.19 -26.15
C LYS A 186 19.28 7.50 -25.98
N THR A 187 19.99 7.89 -27.02
CA THR A 187 20.97 8.99 -26.98
C THR A 187 20.50 10.14 -27.87
N HIS A 188 20.75 11.37 -27.46
CA HIS A 188 20.55 12.61 -28.24
C HIS A 188 21.46 13.70 -27.64
N MET A 189 21.66 14.78 -28.40
CA MET A 189 22.46 15.94 -27.96
C MET A 189 21.59 17.20 -27.97
N THR A 190 21.67 18.01 -26.92
CA THR A 190 21.05 19.35 -26.88
C THR A 190 22.14 20.43 -26.96
N HIS A 191 21.71 21.64 -27.28
CA HIS A 191 22.55 22.84 -27.47
C HIS A 191 21.86 24.00 -26.77
N HIS A 192 22.52 24.63 -25.80
CA HIS A 192 21.99 25.84 -25.08
C HIS A 192 23.02 26.96 -25.15
N ALA A 193 22.65 28.09 -25.72
CA ALA A 193 23.51 29.29 -25.83
C ALA A 193 23.65 29.94 -24.45
N VAL A 194 24.77 29.69 -23.79
CA VAL A 194 25.17 30.28 -22.48
C VAL A 194 25.27 31.83 -22.63
N SER A 195 25.80 32.31 -23.76
CA SER A 195 26.00 33.75 -24.09
C SER A 195 26.17 33.87 -25.61
N ASP A 196 26.60 35.03 -26.11
CA ASP A 196 26.95 35.22 -27.55
C ASP A 196 28.21 34.42 -27.86
N HIS A 197 29.00 34.06 -26.82
CA HIS A 197 30.40 33.57 -26.96
C HIS A 197 30.53 32.07 -26.71
N GLU A 198 29.58 31.46 -26.00
CA GLU A 198 29.70 30.04 -25.60
C GLU A 198 28.34 29.34 -25.70
N ALA A 199 28.37 28.03 -25.94
CA ALA A 199 27.20 27.14 -26.01
C ALA A 199 27.50 25.87 -25.22
N THR A 200 26.51 25.36 -24.47
CA THR A 200 26.60 24.05 -23.78
C THR A 200 26.08 22.98 -24.73
N LEU A 201 26.89 21.97 -25.02
CA LEU A 201 26.46 20.72 -25.69
C LEU A 201 26.23 19.71 -24.59
N ARG A 202 25.02 19.17 -24.48
CA ARG A 202 24.71 18.11 -23.50
C ARG A 202 24.43 16.81 -24.24
N CYS A 203 25.24 15.80 -23.95
CA CYS A 203 25.11 14.44 -24.49
C CYS A 203 24.30 13.58 -23.50
N TRP A 204 23.18 13.03 -23.96
CA TRP A 204 22.15 12.32 -23.14
C TRP A 204 22.13 10.82 -23.43
N ALA A 205 22.02 10.03 -22.37
CA ALA A 205 21.77 8.59 -22.40
C ALA A 205 20.58 8.32 -21.48
N LEU A 206 19.51 7.74 -22.03
CA LEU A 206 18.26 7.45 -21.29
C LEU A 206 17.91 5.97 -21.45
N SER A 207 17.14 5.45 -20.47
CA SER A 207 16.48 4.12 -20.43
C SER A 207 17.46 2.99 -20.68
N PHE A 208 18.62 3.02 -20.07
CA PHE A 208 19.63 1.95 -20.24
C PHE A 208 19.69 1.09 -18.98
N TYR A 209 20.05 -0.16 -19.19
CA TYR A 209 20.33 -1.18 -18.18
C TYR A 209 21.37 -2.11 -18.79
N PRO A 210 22.43 -2.52 -18.06
CA PRO A 210 22.68 -2.08 -16.69
C PRO A 210 23.14 -0.63 -16.54
N ALA A 211 23.46 -0.22 -15.29
CA ALA A 211 23.82 1.18 -14.91
C ALA A 211 25.18 1.56 -15.53
N GLU A 212 26.11 0.62 -15.59
CA GLU A 212 27.46 0.81 -16.14
C GLU A 212 27.37 1.48 -17.52
N ILE A 213 28.01 2.63 -17.68
CA ILE A 213 28.09 3.37 -18.97
C ILE A 213 29.30 4.31 -18.96
N THR A 214 29.83 4.63 -20.13
CA THR A 214 30.89 5.67 -20.31
C THR A 214 30.41 6.70 -21.33
N LEU A 215 30.32 7.96 -20.90
CA LEU A 215 30.11 9.14 -21.77
C LEU A 215 31.41 9.95 -21.77
N THR A 216 32.06 10.13 -22.90
CA THR A 216 33.29 10.95 -23.01
C THR A 216 33.11 11.93 -24.15
N TRP A 217 33.69 13.12 -24.00
CA TRP A 217 33.78 14.14 -25.05
C TRP A 217 35.14 14.07 -25.71
N GLN A 218 35.16 14.14 -27.04
CA GLN A 218 36.39 14.37 -27.82
C GLN A 218 36.28 15.72 -28.54
N ARG A 219 37.44 16.34 -28.81
CA ARG A 219 37.54 17.56 -29.64
C ARG A 219 38.55 17.28 -30.73
N ASP A 220 38.11 17.32 -32.00
CA ASP A 220 38.93 16.90 -33.17
C ASP A 220 39.60 15.55 -32.87
N GLY A 221 38.88 14.63 -32.22
CA GLY A 221 39.34 13.24 -32.04
C GLY A 221 40.30 13.07 -30.87
N GLU A 222 40.51 14.13 -30.08
CA GLU A 222 41.37 14.09 -28.87
C GLU A 222 40.46 14.12 -27.64
N ASP A 223 40.83 13.36 -26.62
CA ASP A 223 40.10 13.29 -25.31
C ASP A 223 40.01 14.71 -24.73
N GLN A 224 38.84 15.06 -24.20
CA GLN A 224 38.50 16.42 -23.78
C GLN A 224 37.88 16.35 -22.38
N THR A 225 38.59 16.89 -21.39
CA THR A 225 38.17 16.98 -19.96
C THR A 225 37.80 18.43 -19.58
N GLN A 226 38.59 19.42 -20.03
CA GLN A 226 38.45 20.85 -19.65
C GLN A 226 37.06 21.37 -20.06
N ASP A 227 36.41 22.10 -19.16
CA ASP A 227 35.08 22.72 -19.37
C ASP A 227 34.03 21.64 -19.66
N THR A 228 34.27 20.43 -19.13
CA THR A 228 33.37 19.24 -19.19
C THR A 228 32.58 19.12 -17.87
N GLU A 229 31.40 18.49 -17.90
CA GLU A 229 30.58 18.23 -16.69
C GLU A 229 29.87 16.88 -16.88
N LEU A 230 29.89 16.04 -15.86
CA LEU A 230 29.39 14.65 -15.90
C LEU A 230 28.60 14.37 -14.63
N VAL A 231 27.31 14.13 -14.73
CA VAL A 231 26.46 13.85 -13.52
C VAL A 231 26.54 12.36 -13.22
N GLU A 232 26.35 12.00 -11.96
CA GLU A 232 26.21 10.60 -11.49
C GLU A 232 25.11 9.92 -12.30
N THR A 233 25.34 8.68 -12.71
CA THR A 233 24.30 7.80 -13.30
C THR A 233 23.14 7.75 -12.32
N ARG A 234 21.92 8.00 -12.77
CA ARG A 234 20.74 8.18 -11.88
C ARG A 234 19.62 7.22 -12.31
N PRO A 235 18.80 6.75 -11.37
CA PRO A 235 17.72 5.81 -11.72
C PRO A 235 16.52 6.60 -12.25
N ALA A 236 15.85 6.07 -13.29
CA ALA A 236 14.62 6.67 -13.88
C ALA A 236 13.44 6.35 -12.98
N GLY A 237 13.52 5.19 -12.35
CA GLY A 237 12.51 4.73 -11.37
C GLY A 237 11.65 3.63 -11.94
N ASP A 238 12.01 3.12 -13.11
CA ASP A 238 11.32 2.01 -13.81
C ASP A 238 12.31 0.85 -14.03
N GLY A 239 13.45 0.86 -13.33
CA GLY A 239 14.51 -0.16 -13.46
C GLY A 239 15.56 0.18 -14.50
N THR A 240 15.43 1.32 -15.21
CA THR A 240 16.46 1.85 -16.15
C THR A 240 17.17 3.05 -15.51
N PHE A 241 18.24 3.50 -16.17
CA PHE A 241 19.14 4.57 -15.70
C PHE A 241 19.26 5.67 -16.76
N GLN A 242 19.77 6.79 -16.32
CA GLN A 242 20.00 8.00 -17.12
C GLN A 242 21.37 8.57 -16.77
N LYS A 243 21.94 9.31 -17.69
CA LYS A 243 23.22 10.03 -17.48
C LYS A 243 23.40 11.03 -18.62
N TRP A 244 24.01 12.17 -18.31
CA TRP A 244 24.46 13.12 -19.34
C TRP A 244 25.87 13.60 -19.03
N ALA A 245 26.54 14.04 -20.09
CA ALA A 245 27.86 14.70 -20.09
C ALA A 245 27.70 15.98 -20.90
N ALA A 246 28.22 17.10 -20.41
CA ALA A 246 28.13 18.40 -21.09
C ALA A 246 29.53 18.97 -21.26
N VAL A 247 29.68 19.86 -22.24
CA VAL A 247 30.92 20.60 -22.50
C VAL A 247 30.51 21.98 -22.97
N VAL A 248 31.20 23.01 -22.49
CA VAL A 248 30.95 24.40 -22.97
C VAL A 248 32.03 24.73 -24.00
N VAL A 249 31.56 25.14 -25.16
CA VAL A 249 32.38 25.29 -26.37
C VAL A 249 32.24 26.72 -26.86
N PRO A 250 33.31 27.28 -27.46
CA PRO A 250 33.25 28.56 -28.12
C PRO A 250 32.19 28.51 -29.22
N SER A 251 31.40 29.57 -29.36
CA SER A 251 30.41 29.74 -30.45
C SER A 251 31.10 29.48 -31.79
N GLY A 252 30.49 28.66 -32.65
CA GLY A 252 31.01 28.37 -33.99
C GLY A 252 31.98 27.21 -33.98
N GLN A 253 32.25 26.60 -32.84
CA GLN A 253 33.21 25.45 -32.77
C GLN A 253 32.49 24.14 -32.38
N GLU A 254 31.17 24.15 -32.34
CA GLU A 254 30.32 22.96 -31.96
C GLU A 254 30.77 21.73 -32.74
N GLN A 255 31.08 21.89 -34.03
CA GLN A 255 31.28 20.79 -34.99
C GLN A 255 32.58 20.01 -34.71
N ARG A 256 33.49 20.57 -33.90
CA ARG A 256 34.77 19.93 -33.53
C ARG A 256 34.52 18.80 -32.51
N TYR A 257 33.40 18.85 -31.82
CA TYR A 257 33.11 18.05 -30.61
C TYR A 257 32.22 16.85 -30.94
N THR A 258 32.63 15.69 -30.42
CA THR A 258 31.90 14.41 -30.49
C THR A 258 31.72 13.86 -29.07
N CYS A 259 30.55 13.35 -28.78
CA CYS A 259 30.23 12.59 -27.56
C CYS A 259 30.29 11.10 -27.88
N HIS A 260 30.96 10.34 -27.06
CA HIS A 260 31.19 8.90 -27.29
C HIS A 260 30.46 8.14 -26.18
N VAL A 261 29.59 7.19 -26.59
CA VAL A 261 28.75 6.39 -25.66
C VAL A 261 29.16 4.92 -25.73
N GLN A 262 29.52 4.34 -24.59
CA GLN A 262 29.80 2.89 -24.45
C GLN A 262 28.84 2.29 -23.45
N HIS A 263 28.18 1.21 -23.86
CA HIS A 263 27.21 0.44 -23.05
C HIS A 263 27.15 -0.97 -23.61
N GLU A 264 27.01 -1.97 -22.74
CA GLU A 264 27.03 -3.39 -23.14
C GLU A 264 25.75 -3.73 -23.94
N GLY A 265 24.73 -2.88 -23.92
CA GLY A 265 23.52 -3.03 -24.74
C GLY A 265 23.70 -2.60 -26.19
N LEU A 266 24.74 -1.84 -26.50
CA LEU A 266 24.97 -1.29 -27.86
C LEU A 266 25.70 -2.30 -28.72
N PRO A 267 25.28 -2.49 -29.99
CA PRO A 267 26.05 -3.29 -30.93
C PRO A 267 27.52 -2.88 -30.93
N LYS A 268 27.73 -1.56 -30.87
CA LYS A 268 29.01 -0.87 -31.10
C LYS A 268 28.93 0.46 -30.39
N PRO A 269 30.07 1.01 -29.92
CA PRO A 269 30.09 2.36 -29.35
C PRO A 269 29.50 3.38 -30.33
N LEU A 270 28.77 4.37 -29.80
CA LEU A 270 28.14 5.44 -30.60
C LEU A 270 29.02 6.68 -30.56
N THR A 271 28.99 7.46 -31.64
CA THR A 271 29.57 8.82 -31.79
C THR A 271 28.41 9.75 -32.11
N LEU A 272 28.15 10.76 -31.28
CA LEU A 272 27.16 11.85 -31.57
C LEU A 272 27.91 13.15 -31.87
N ARG A 273 27.42 13.91 -32.84
CA ARG A 273 27.93 15.24 -33.20
C ARG A 273 26.75 16.22 -33.28
N TRP A 274 26.94 17.46 -32.88
CA TRP A 274 25.92 18.53 -33.03
C TRP A 274 25.74 18.81 -34.54
N GLU A 275 24.49 18.90 -34.96
CA GLU A 275 24.02 18.94 -36.37
C GLU A 275 23.08 20.14 -36.52
N PRO A 276 23.37 21.08 -37.45
CA PRO A 276 22.63 22.36 -37.57
C PRO A 276 21.21 22.44 -36.97
N MET B 1 34.37 9.65 12.55
CA MET B 1 33.12 10.22 11.93
C MET B 1 33.46 10.98 10.64
N ILE B 2 33.16 10.37 9.50
CA ILE B 2 33.28 10.98 8.16
C ILE B 2 31.87 11.39 7.72
N GLN B 3 31.71 12.64 7.29
CA GLN B 3 30.43 13.16 6.76
C GLN B 3 30.64 13.61 5.33
N ARG B 4 29.63 13.42 4.48
CA ARG B 4 29.65 13.77 3.05
C ARG B 4 28.33 14.38 2.66
N THR B 5 28.37 15.49 1.92
CA THR B 5 27.19 16.30 1.57
C THR B 5 26.50 15.67 0.36
N PRO B 6 25.17 15.60 0.30
CA PRO B 6 24.51 14.97 -0.86
C PRO B 6 24.67 15.76 -2.17
N LYS B 7 24.88 15.04 -3.25
CA LYS B 7 24.68 15.51 -4.65
C LYS B 7 23.21 15.33 -4.97
N ILE B 8 22.58 16.33 -5.56
CA ILE B 8 21.13 16.37 -5.84
C ILE B 8 20.88 16.55 -7.33
N GLN B 9 19.98 15.77 -7.88
CA GLN B 9 19.48 15.86 -9.27
C GLN B 9 17.96 15.78 -9.23
N VAL B 10 17.26 16.71 -9.86
CA VAL B 10 15.79 16.66 -10.00
C VAL B 10 15.46 16.63 -11.49
N TYR B 11 14.59 15.72 -11.87
CA TYR B 11 14.34 15.33 -13.25
C TYR B 11 13.09 14.47 -13.30
N SER B 12 12.58 14.23 -14.50
CA SER B 12 11.40 13.40 -14.77
C SER B 12 11.85 12.02 -15.25
N ARG B 13 11.05 11.00 -14.99
CA ARG B 13 11.29 9.62 -15.48
C ARG B 13 11.33 9.63 -17.01
N HIS B 14 10.37 10.34 -17.63
CA HIS B 14 10.19 10.44 -19.10
C HIS B 14 10.33 11.91 -19.52
N PRO B 15 10.70 12.18 -20.79
CA PRO B 15 10.69 13.55 -21.29
C PRO B 15 9.35 14.25 -21.00
N ALA B 16 9.39 15.41 -20.39
CA ALA B 16 8.21 16.15 -19.94
C ALA B 16 7.37 16.61 -21.13
N GLU B 17 6.08 16.28 -21.14
CA GLU B 17 5.05 16.83 -22.06
C GLU B 17 3.93 17.45 -21.21
N ASN B 18 3.58 18.70 -21.48
CA ASN B 18 2.53 19.43 -20.76
C ASN B 18 1.21 18.65 -20.88
N GLY B 19 0.59 18.30 -19.76
CA GLY B 19 -0.74 17.67 -19.70
C GLY B 19 -0.66 16.17 -19.74
N LYS B 20 0.55 15.63 -19.76
CA LYS B 20 0.81 14.17 -19.86
C LYS B 20 1.44 13.70 -18.53
N SER B 21 0.84 12.70 -17.90
CA SER B 21 1.24 12.14 -16.60
C SER B 21 2.67 11.62 -16.71
N ASN B 22 3.45 11.76 -15.64
CA ASN B 22 4.90 11.46 -15.61
C ASN B 22 5.27 11.16 -14.15
N PHE B 23 6.56 11.05 -13.83
CA PHE B 23 7.10 10.96 -12.45
C PHE B 23 8.18 12.02 -12.26
N LEU B 24 8.07 12.82 -11.20
CA LEU B 24 9.09 13.81 -10.76
C LEU B 24 10.04 13.10 -9.83
N ASN B 25 11.33 13.14 -10.12
CA ASN B 25 12.36 12.41 -9.36
C ASN B 25 13.30 13.41 -8.68
N CYS B 26 13.71 13.10 -7.46
CA CYS B 26 14.84 13.77 -6.79
C CYS B 26 15.80 12.70 -6.28
N TYR B 27 16.96 12.60 -6.90
CA TYR B 27 17.99 11.59 -6.58
C TYR B 27 19.09 12.28 -5.75
N VAL B 28 19.27 11.82 -4.51
CA VAL B 28 20.35 12.27 -3.58
C VAL B 28 21.37 11.13 -3.46
N SER B 29 22.66 11.43 -3.55
CA SER B 29 23.73 10.42 -3.60
C SER B 29 25.01 10.97 -2.99
N GLY B 30 25.95 10.09 -2.64
CA GLY B 30 27.27 10.44 -2.11
C GLY B 30 27.22 11.06 -0.73
N PHE B 31 26.20 10.77 0.08
CA PHE B 31 26.05 11.42 1.42
C PHE B 31 26.31 10.42 2.55
N HIS B 32 26.66 10.99 3.70
CA HIS B 32 26.94 10.29 4.97
C HIS B 32 26.86 11.33 6.07
N PRO B 33 26.11 11.07 7.19
CA PRO B 33 25.44 9.79 7.41
C PRO B 33 24.10 9.69 6.66
N SER B 34 23.32 8.64 6.93
CA SER B 34 22.14 8.21 6.10
C SER B 34 20.90 9.06 6.36
N ASP B 35 20.79 9.69 7.51
CA ASP B 35 19.56 10.46 7.88
C ASP B 35 19.58 11.77 7.05
N ILE B 36 18.51 11.97 6.28
CA ILE B 36 18.40 13.05 5.27
C ILE B 36 16.93 13.38 5.12
N GLU B 37 16.64 14.63 4.88
CA GLU B 37 15.26 15.13 4.73
C GLU B 37 15.10 15.63 3.28
N VAL B 38 14.29 14.91 2.51
CA VAL B 38 14.03 15.20 1.07
C VAL B 38 12.54 15.47 0.90
N ASP B 39 12.22 16.62 0.33
CA ASP B 39 10.86 17.03 -0.03
C ASP B 39 10.81 17.40 -1.52
N LEU B 40 9.73 17.04 -2.19
CA LEU B 40 9.40 17.56 -3.54
C LEU B 40 8.45 18.72 -3.35
N LEU B 41 8.71 19.82 -4.05
CA LEU B 41 7.93 21.07 -3.96
C LEU B 41 7.21 21.31 -5.28
N LYS B 42 6.01 21.84 -5.17
CA LYS B 42 5.18 22.35 -6.29
C LYS B 42 4.84 23.80 -5.96
N ASN B 43 5.35 24.73 -6.76
CA ASN B 43 5.20 26.19 -6.59
C ASN B 43 5.57 26.58 -5.14
N GLY B 44 6.64 26.01 -4.62
CA GLY B 44 7.21 26.35 -3.30
C GLY B 44 6.63 25.54 -2.13
N GLU B 45 5.56 24.75 -2.34
CA GLU B 45 4.86 23.99 -1.25
C GLU B 45 5.22 22.48 -1.36
N ARG B 46 5.38 21.81 -0.21
CA ARG B 46 5.75 20.37 -0.12
C ARG B 46 4.64 19.50 -0.71
N ILE B 47 4.99 18.58 -1.59
CA ILE B 47 4.09 17.50 -2.07
C ILE B 47 3.98 16.49 -0.91
N GLU B 48 2.76 16.18 -0.45
CA GLU B 48 2.54 15.36 0.77
C GLU B 48 2.71 13.87 0.46
N LYS B 49 2.25 13.43 -0.71
CA LYS B 49 2.32 12.02 -1.14
C LYS B 49 3.54 11.85 -2.04
N VAL B 50 4.61 11.33 -1.48
CA VAL B 50 5.91 11.13 -2.18
C VAL B 50 6.44 9.77 -1.76
N GLU B 51 6.97 9.00 -2.68
CA GLU B 51 7.51 7.65 -2.43
C GLU B 51 9.04 7.72 -2.46
N HIS B 52 9.71 6.68 -1.99
CA HIS B 52 11.19 6.64 -2.02
C HIS B 52 11.68 5.19 -2.13
N SER B 53 12.85 5.04 -2.71
CA SER B 53 13.61 3.78 -2.82
C SER B 53 14.11 3.35 -1.43
N ASP B 54 14.61 2.12 -1.36
CA ASP B 54 15.22 1.56 -0.15
C ASP B 54 16.65 2.08 -0.06
N LEU B 55 17.04 2.63 1.08
CA LEU B 55 18.40 3.14 1.33
C LEU B 55 19.40 2.07 0.94
N SER B 56 20.36 2.43 0.10
CA SER B 56 21.53 1.59 -0.24
C SER B 56 22.76 2.48 -0.33
N PHE B 57 23.91 1.89 -0.65
CA PHE B 57 25.20 2.60 -0.67
C PHE B 57 26.12 2.03 -1.73
N SER B 58 27.11 2.83 -2.08
CA SER B 58 28.12 2.61 -3.14
C SER B 58 29.39 2.02 -2.54
N LYS B 59 30.38 1.73 -3.38
CA LYS B 59 31.72 1.19 -3.00
C LYS B 59 32.33 2.03 -1.88
N ASP B 60 32.20 3.36 -1.94
CA ASP B 60 32.82 4.30 -0.99
C ASP B 60 31.97 4.42 0.30
N TRP B 61 30.90 3.65 0.39
CA TRP B 61 30.00 3.56 1.58
C TRP B 61 29.01 4.73 1.60
N SER B 62 29.06 5.63 0.63
CA SER B 62 28.15 6.80 0.57
C SER B 62 26.75 6.31 0.15
N PHE B 63 25.72 6.91 0.70
CA PHE B 63 24.32 6.49 0.52
C PHE B 63 23.73 7.14 -0.75
N TYR B 64 22.67 6.51 -1.29
CA TYR B 64 21.81 7.07 -2.36
C TYR B 64 20.35 6.66 -2.10
N LEU B 65 19.44 7.59 -2.37
CA LEU B 65 17.97 7.43 -2.31
C LEU B 65 17.32 8.15 -3.50
N LEU B 66 16.22 7.60 -3.99
CA LEU B 66 15.33 8.27 -4.98
C LEU B 66 14.01 8.58 -4.28
N TYR B 67 13.65 9.86 -4.22
CA TYR B 67 12.28 10.36 -3.88
C TYR B 67 11.55 10.65 -5.21
N TYR B 68 10.28 10.25 -5.32
CA TYR B 68 9.51 10.39 -6.58
C TYR B 68 8.04 10.50 -6.29
N THR B 69 7.33 11.16 -7.17
CA THR B 69 5.87 11.21 -7.15
C THR B 69 5.36 11.29 -8.57
N GLU B 70 4.22 10.66 -8.82
CA GLU B 70 3.46 10.79 -10.08
C GLU B 70 3.07 12.26 -10.15
N PHE B 71 3.15 12.86 -11.34
CA PHE B 71 2.78 14.27 -11.57
C PHE B 71 2.53 14.50 -13.05
N THR B 72 1.75 15.52 -13.33
CA THR B 72 1.41 16.01 -14.69
C THR B 72 1.98 17.40 -14.85
N PRO B 73 3.12 17.56 -15.56
CA PRO B 73 3.70 18.87 -15.78
C PRO B 73 2.76 19.73 -16.63
N THR B 74 2.77 21.04 -16.34
CA THR B 74 2.10 22.09 -17.14
C THR B 74 3.14 23.17 -17.45
N GLU B 75 2.77 24.15 -18.26
CA GLU B 75 3.66 25.26 -18.65
C GLU B 75 4.02 26.09 -17.40
N LYS B 76 3.04 26.41 -16.57
CA LYS B 76 3.17 27.46 -15.50
C LYS B 76 3.72 26.88 -14.18
N ASP B 77 3.52 25.58 -13.92
CA ASP B 77 3.83 24.95 -12.60
C ASP B 77 5.34 24.70 -12.50
N GLU B 78 5.95 25.15 -11.40
CA GLU B 78 7.38 24.98 -11.07
C GLU B 78 7.51 23.85 -10.04
N TYR B 79 8.59 23.10 -10.11
CA TYR B 79 8.88 21.99 -9.20
C TYR B 79 10.32 22.08 -8.76
N ALA B 80 10.60 21.48 -7.63
CA ALA B 80 11.92 21.53 -6.96
C ALA B 80 12.04 20.34 -5.99
N CYS B 81 13.27 20.09 -5.62
CA CYS B 81 13.65 19.15 -4.58
C CYS B 81 14.30 19.95 -3.42
N ARG B 82 13.80 19.80 -2.20
CA ARG B 82 14.40 20.46 -1.01
C ARG B 82 15.06 19.40 -0.14
N VAL B 83 16.35 19.56 0.13
CA VAL B 83 17.21 18.58 0.81
C VAL B 83 17.83 19.21 2.06
N ASN B 84 17.64 18.58 3.22
CA ASN B 84 18.39 18.95 4.43
C ASN B 84 19.20 17.75 4.91
N HIS B 85 20.39 18.03 5.45
CA HIS B 85 21.38 17.05 5.91
C HIS B 85 22.26 17.74 6.94
N VAL B 86 22.94 16.97 7.78
CA VAL B 86 23.82 17.50 8.86
C VAL B 86 24.93 18.34 8.25
N THR B 87 25.31 18.07 6.99
CA THR B 87 26.44 18.73 6.27
C THR B 87 26.02 20.10 5.75
N LEU B 88 24.73 20.43 5.77
CA LEU B 88 24.20 21.71 5.23
C LEU B 88 23.78 22.62 6.38
N SER B 89 24.17 23.90 6.33
CA SER B 89 23.77 24.90 7.34
C SER B 89 22.33 25.34 7.07
N GLN B 90 21.83 25.11 5.85
CA GLN B 90 20.43 25.45 5.47
C GLN B 90 19.94 24.46 4.43
N PRO B 91 18.62 24.21 4.33
CA PRO B 91 18.12 23.31 3.30
C PRO B 91 18.44 23.86 1.91
N LYS B 92 18.83 22.99 1.00
CA LYS B 92 19.20 23.31 -0.39
C LYS B 92 17.98 23.01 -1.28
N ILE B 93 17.54 24.01 -2.06
CA ILE B 93 16.47 23.83 -3.09
C ILE B 93 17.15 23.71 -4.46
N VAL B 94 16.87 22.64 -5.19
CA VAL B 94 17.25 22.48 -6.62
C VAL B 94 15.95 22.47 -7.45
N LYS B 95 15.80 23.44 -8.36
CA LYS B 95 14.59 23.60 -9.21
C LYS B 95 14.60 22.53 -10.29
N TRP B 96 13.45 21.97 -10.63
CA TRP B 96 13.29 21.11 -11.82
C TRP B 96 13.45 21.97 -13.07
N ASP B 97 14.48 21.70 -13.85
CA ASP B 97 14.79 22.36 -15.12
C ASP B 97 14.57 21.33 -16.20
N ARG B 98 13.40 21.32 -16.82
CA ARG B 98 13.05 20.28 -17.81
C ARG B 98 14.04 20.35 -18.97
N ASP B 99 14.23 21.54 -19.55
CA ASP B 99 14.92 21.77 -20.86
C ASP B 99 16.45 21.72 -20.70
N MET B 100 17.00 20.56 -20.30
CA MET B 100 18.47 20.32 -20.23
C MET B 100 18.92 19.53 -21.47
N LEU C 1 20.21 -15.42 -1.89
CA LEU C 1 20.06 -16.11 -0.58
C LEU C 1 21.01 -15.49 0.48
N LEU C 2 20.45 -15.12 1.63
CA LEU C 2 21.21 -14.53 2.75
C LEU C 2 22.20 -15.53 3.31
N LEU C 3 23.28 -15.03 3.89
CA LEU C 3 24.23 -15.76 4.75
C LEU C 3 23.47 -16.33 5.94
N GLY C 4 23.81 -17.56 6.33
CA GLY C 4 23.10 -18.40 7.29
C GLY C 4 23.84 -18.55 8.60
N ILE C 5 25.01 -17.93 8.76
CA ILE C 5 25.77 -17.92 10.03
C ILE C 5 25.81 -16.50 10.62
N GLY C 6 25.94 -16.43 11.94
CA GLY C 6 25.96 -15.18 12.72
C GLY C 6 27.40 -14.79 13.04
N ILE C 7 27.81 -13.62 12.58
CA ILE C 7 29.16 -13.04 12.78
C ILE C 7 28.99 -11.79 13.64
N LEU C 8 29.92 -11.55 14.57
CA LEU C 8 29.86 -10.41 15.52
C LEU C 8 31.24 -9.74 15.58
N VAL C 9 31.30 -8.42 15.42
CA VAL C 9 32.58 -7.66 15.46
C VAL C 9 33.14 -7.67 16.91
N GLY D 1 -40.55 6.79 10.77
CA GLY D 1 -40.06 5.74 11.68
C GLY D 1 -38.77 6.16 12.35
N SER D 2 -38.01 5.19 12.90
CA SER D 2 -36.72 5.37 13.59
C SER D 2 -35.63 5.76 12.60
N HIS D 3 -34.60 6.44 13.09
CA HIS D 3 -33.45 6.87 12.28
C HIS D 3 -32.17 6.68 13.06
N SER D 4 -31.08 6.57 12.33
CA SER D 4 -29.73 6.36 12.88
C SER D 4 -28.72 7.18 12.09
N MET D 5 -27.71 7.68 12.79
CA MET D 5 -26.43 8.15 12.21
C MET D 5 -25.32 7.22 12.70
N ARG D 6 -24.47 6.75 11.80
CA ARG D 6 -23.35 5.86 12.16
C ARG D 6 -22.08 6.33 11.46
N TYR D 7 -20.98 6.34 12.17
CA TYR D 7 -19.63 6.45 11.57
C TYR D 7 -18.91 5.13 11.79
N PHE D 8 -18.28 4.65 10.74
CA PHE D 8 -17.51 3.40 10.68
C PHE D 8 -16.08 3.74 10.31
N PHE D 9 -15.12 3.35 11.13
CA PHE D 9 -13.68 3.58 10.91
C PHE D 9 -12.93 2.25 10.87
N THR D 10 -12.14 2.05 9.84
CA THR D 10 -11.22 0.90 9.69
C THR D 10 -9.79 1.44 9.56
N SER D 11 -8.89 0.99 10.42
CA SER D 11 -7.42 1.22 10.27
C SER D 11 -6.70 -0.12 10.13
N VAL D 12 -5.95 -0.29 9.04
CA VAL D 12 -5.21 -1.54 8.70
C VAL D 12 -3.72 -1.22 8.66
N SER D 13 -2.91 -1.87 9.49
CA SER D 13 -1.44 -1.74 9.48
C SER D 13 -0.90 -2.37 8.21
N ARG D 14 0.19 -1.82 7.67
CA ARG D 14 0.78 -2.32 6.42
C ARG D 14 2.27 -2.53 6.63
N PRO D 15 2.67 -3.65 7.28
CA PRO D 15 4.08 -3.93 7.49
C PRO D 15 4.82 -3.80 6.16
N GLY D 16 6.01 -3.21 6.15
CA GLY D 16 6.80 -2.96 4.93
C GLY D 16 6.49 -1.59 4.34
N ARG D 17 5.32 -1.01 4.58
CA ARG D 17 5.01 0.39 4.19
C ARG D 17 5.20 1.30 5.40
N GLY D 18 4.58 0.94 6.52
CA GLY D 18 4.83 1.58 7.81
C GLY D 18 3.85 2.68 8.10
N GLU D 19 2.86 2.90 7.25
CA GLU D 19 1.71 3.77 7.61
C GLU D 19 0.42 3.03 7.28
N PRO D 20 -0.58 3.11 8.17
CA PRO D 20 -1.78 2.31 8.03
C PRO D 20 -2.71 2.86 6.93
N ARG D 21 -3.57 2.00 6.41
CA ARG D 21 -4.71 2.39 5.57
C ARG D 21 -5.84 2.80 6.51
N PHE D 22 -6.43 3.98 6.29
CA PHE D 22 -7.54 4.50 7.11
C PHE D 22 -8.70 4.90 6.21
N ILE D 23 -9.85 4.29 6.47
CA ILE D 23 -11.11 4.54 5.71
C ILE D 23 -12.21 4.84 6.72
N ALA D 24 -12.90 5.97 6.55
CA ALA D 24 -14.02 6.38 7.40
C ALA D 24 -15.23 6.59 6.48
N VAL D 25 -16.39 6.07 6.88
CA VAL D 25 -17.68 6.24 6.15
C VAL D 25 -18.74 6.66 7.15
N GLY D 26 -19.60 7.59 6.74
CA GLY D 26 -20.74 8.09 7.52
C GLY D 26 -22.05 7.72 6.84
N TYR D 27 -23.00 7.22 7.64
CA TYR D 27 -24.35 6.79 7.20
C TYR D 27 -25.41 7.54 8.00
N VAL D 28 -26.47 7.94 7.31
CA VAL D 28 -27.79 8.18 7.95
C VAL D 28 -28.71 7.04 7.48
N ASP D 29 -29.22 6.26 8.40
CA ASP D 29 -30.01 5.04 8.08
C ASP D 29 -29.15 4.19 7.14
N ASP D 30 -29.65 3.83 5.96
CA ASP D 30 -28.99 2.96 4.97
C ASP D 30 -28.40 3.80 3.81
N THR D 31 -28.17 5.09 4.02
CA THR D 31 -27.66 6.04 3.00
C THR D 31 -26.31 6.58 3.46
N GLN D 32 -25.23 6.20 2.78
CA GLN D 32 -23.89 6.78 3.03
C GLN D 32 -23.90 8.25 2.59
N PHE D 33 -23.30 9.14 3.34
CA PHE D 33 -23.29 10.59 2.99
C PHE D 33 -21.86 11.15 2.96
N VAL D 34 -20.86 10.53 3.62
CA VAL D 34 -19.44 11.00 3.59
C VAL D 34 -18.49 9.81 3.57
N ARG D 35 -17.29 10.08 3.06
CA ARG D 35 -16.16 9.15 3.09
C ARG D 35 -14.86 9.92 3.27
N PHE D 36 -13.90 9.24 3.86
CA PHE D 36 -12.48 9.60 3.86
C PHE D 36 -11.69 8.32 3.65
N ASP D 37 -10.76 8.40 2.71
CA ASP D 37 -9.76 7.35 2.41
C ASP D 37 -8.36 8.00 2.42
N SER D 38 -7.51 7.62 3.37
CA SER D 38 -6.11 8.10 3.52
C SER D 38 -5.33 7.88 2.22
N ASP D 39 -5.66 6.85 1.44
CA ASP D 39 -4.93 6.54 0.17
C ASP D 39 -5.38 7.48 -0.96
N ALA D 40 -6.54 8.13 -0.88
CA ALA D 40 -7.10 8.91 -2.02
C ALA D 40 -6.32 10.24 -2.17
N ALA D 41 -6.46 10.90 -3.31
CA ALA D 41 -5.71 12.12 -3.68
C ALA D 41 -6.16 13.31 -2.81
N SER D 42 -7.48 13.46 -2.56
CA SER D 42 -8.07 14.70 -1.99
C SER D 42 -7.56 14.97 -0.57
N GLN D 43 -7.45 13.95 0.30
CA GLN D 43 -7.16 14.15 1.75
C GLN D 43 -8.24 15.06 2.35
N ARG D 44 -9.48 14.87 1.93
CA ARG D 44 -10.67 15.57 2.49
C ARG D 44 -11.78 14.57 2.75
N MET D 45 -12.58 14.84 3.78
CA MET D 45 -13.93 14.27 3.89
C MET D 45 -14.66 14.69 2.62
N GLU D 46 -15.16 13.71 1.84
CA GLU D 46 -15.86 13.93 0.55
C GLU D 46 -17.34 13.62 0.70
N PRO D 47 -18.24 14.33 0.00
CA PRO D 47 -19.67 14.01 0.04
C PRO D 47 -19.96 12.74 -0.78
N ARG D 48 -20.96 11.94 -0.37
CA ARG D 48 -21.37 10.72 -1.11
C ARG D 48 -22.90 10.69 -1.24
N ALA D 49 -23.58 11.75 -0.87
CA ALA D 49 -25.01 11.97 -1.13
C ALA D 49 -25.19 13.44 -1.47
N PRO D 50 -26.05 13.77 -2.45
CA PRO D 50 -26.17 15.16 -2.92
C PRO D 50 -26.62 16.12 -1.81
N TRP D 51 -27.47 15.66 -0.89
CA TRP D 51 -28.07 16.56 0.13
C TRP D 51 -26.98 17.12 1.05
N ILE D 52 -25.86 16.42 1.26
CA ILE D 52 -24.76 16.91 2.18
C ILE D 52 -23.83 17.89 1.44
N GLU D 53 -23.87 17.91 0.11
CA GLU D 53 -23.11 18.89 -0.72
C GLU D 53 -23.57 20.31 -0.41
N GLN D 54 -24.78 20.50 0.09
CA GLN D 54 -25.32 21.83 0.47
C GLN D 54 -24.53 22.42 1.64
N GLU D 55 -23.88 21.62 2.49
CA GLU D 55 -23.09 22.17 3.64
C GLU D 55 -21.96 23.02 3.07
N GLY D 56 -21.67 24.14 3.75
CA GLY D 56 -20.67 25.14 3.36
C GLY D 56 -19.24 24.70 3.67
N PRO D 57 -18.24 25.51 3.28
CA PRO D 57 -16.83 25.18 3.48
C PRO D 57 -16.44 24.93 4.94
N GLU D 58 -17.05 25.63 5.91
CA GLU D 58 -16.74 25.47 7.35
C GLU D 58 -17.04 24.02 7.78
N TYR D 59 -18.14 23.43 7.27
CA TYR D 59 -18.56 22.04 7.57
C TYR D 59 -17.46 21.09 7.06
N TRP D 60 -17.07 21.25 5.81
CA TRP D 60 -16.11 20.35 5.10
C TRP D 60 -14.69 20.49 5.68
N ASP D 61 -14.26 21.71 6.00
CA ASP D 61 -12.95 21.95 6.64
C ASP D 61 -12.94 21.26 8.01
N GLY D 62 -13.98 21.49 8.79
CA GLY D 62 -14.15 20.92 10.14
C GLY D 62 -14.14 19.40 10.11
N GLU D 63 -14.92 18.80 9.19
CA GLU D 63 -15.04 17.32 9.11
C GLU D 63 -13.72 16.73 8.61
N THR D 64 -13.04 17.41 7.71
CA THR D 64 -11.71 17.00 7.22
C THR D 64 -10.71 17.01 8.41
N ARG D 65 -10.68 18.08 9.21
CA ARG D 65 -9.74 18.14 10.37
C ARG D 65 -10.07 17.00 11.33
N LYS D 66 -11.34 16.77 11.60
CA LYS D 66 -11.73 15.78 12.64
C LYS D 66 -11.46 14.37 12.13
N VAL D 67 -11.63 14.10 10.85
CA VAL D 67 -11.45 12.71 10.38
C VAL D 67 -9.96 12.42 10.34
N LYS D 68 -9.12 13.41 10.02
CA LYS D 68 -7.66 13.29 10.11
C LYS D 68 -7.27 13.04 11.58
N ALA D 69 -7.91 13.71 12.53
CA ALA D 69 -7.69 13.50 13.98
C ALA D 69 -8.05 12.05 14.36
N HIS D 70 -9.14 11.49 13.84
CA HIS D 70 -9.51 10.08 14.13
C HIS D 70 -8.41 9.17 13.55
N SER D 71 -7.92 9.49 12.37
CA SER D 71 -6.83 8.75 11.69
C SER D 71 -5.62 8.67 12.63
N GLN D 72 -5.28 9.79 13.27
CA GLN D 72 -4.08 9.90 14.12
C GLN D 72 -4.25 9.02 15.35
N THR D 73 -5.42 9.03 16.00
CA THR D 73 -5.63 8.19 17.22
C THR D 73 -5.59 6.72 16.83
N HIS D 74 -6.15 6.33 15.70
CA HIS D 74 -6.14 4.93 15.22
C HIS D 74 -4.71 4.48 14.91
N ARG D 75 -3.86 5.41 14.41
CA ARG D 75 -2.45 5.08 14.07
C ARG D 75 -1.75 4.67 15.37
N VAL D 76 -1.99 5.39 16.45
CA VAL D 76 -1.35 5.08 17.75
C VAL D 76 -2.03 3.84 18.37
N ASP D 77 -3.35 3.72 18.24
CA ASP D 77 -4.11 2.54 18.73
C ASP D 77 -3.48 1.25 18.18
N LEU D 78 -3.10 1.24 16.91
CA LEU D 78 -2.48 0.06 16.28
C LEU D 78 -1.20 -0.32 17.03
N GLY D 79 -0.34 0.62 17.35
CA GLY D 79 0.89 0.33 18.13
C GLY D 79 0.56 -0.13 19.54
N THR D 80 -0.39 0.52 20.19
CA THR D 80 -0.81 0.18 21.58
C THR D 80 -1.29 -1.27 21.64
N LEU D 81 -2.10 -1.69 20.67
CA LEU D 81 -2.78 -3.02 20.69
C LEU D 81 -1.76 -4.13 20.34
N ARG D 82 -0.83 -3.87 19.43
CA ARG D 82 0.32 -4.76 19.15
C ARG D 82 1.02 -5.08 20.48
N GLY D 83 1.28 -4.06 21.29
CA GLY D 83 1.90 -4.17 22.63
C GLY D 83 1.02 -4.97 23.58
N TYR D 84 -0.28 -4.68 23.66
CA TYR D 84 -1.20 -5.33 24.64
C TYR D 84 -1.37 -6.81 24.32
N TYR D 85 -1.31 -7.22 23.04
CA TYR D 85 -1.49 -8.62 22.60
C TYR D 85 -0.16 -9.25 22.22
N ASN D 86 0.94 -8.55 22.53
CA ASN D 86 2.23 -9.22 22.70
C ASN D 86 2.60 -9.91 21.37
N GLN D 87 2.55 -9.15 20.26
CA GLN D 87 2.51 -9.74 18.89
C GLN D 87 3.88 -9.59 18.20
N SER D 88 4.59 -10.73 18.05
CA SER D 88 5.70 -10.96 17.10
C SER D 88 5.26 -12.04 16.09
N GLU D 89 3.95 -12.30 16.00
CA GLU D 89 3.33 -13.12 14.93
C GLU D 89 3.18 -12.24 13.69
N ALA D 90 3.95 -12.58 12.64
CA ALA D 90 4.15 -11.78 11.40
C ALA D 90 2.83 -11.65 10.64
N GLY D 91 2.30 -10.41 10.57
CA GLY D 91 1.14 -10.08 9.74
C GLY D 91 0.59 -8.69 10.06
N SER D 92 -0.47 -8.37 9.34
CA SER D 92 -1.25 -7.13 9.32
C SER D 92 -2.30 -7.18 10.44
N HIS D 93 -2.65 -6.03 11.03
CA HIS D 93 -3.65 -5.93 12.11
C HIS D 93 -4.68 -4.87 11.76
N THR D 94 -5.87 -4.98 12.33
CA THR D 94 -7.02 -4.12 12.02
C THR D 94 -7.65 -3.59 13.31
N VAL D 95 -7.82 -2.28 13.39
CA VAL D 95 -8.67 -1.65 14.44
C VAL D 95 -9.91 -1.14 13.74
N GLN D 96 -11.07 -1.40 14.34
CA GLN D 96 -12.36 -0.87 13.84
C GLN D 96 -13.03 -0.14 14.98
N ARG D 97 -13.78 0.88 14.63
CA ARG D 97 -14.51 1.72 15.59
C ARG D 97 -15.82 2.11 14.94
N MET D 98 -16.88 2.09 15.73
CA MET D 98 -18.23 2.50 15.31
C MET D 98 -18.80 3.35 16.42
N TYR D 99 -19.37 4.49 16.07
CA TYR D 99 -20.14 5.32 17.01
C TYR D 99 -21.30 5.94 16.28
N GLY D 100 -22.34 6.28 17.02
CA GLY D 100 -23.54 6.91 16.45
C GLY D 100 -24.70 6.86 17.41
N CYS D 101 -25.81 7.41 16.98
CA CYS D 101 -27.04 7.55 17.77
C CYS D 101 -28.26 7.17 16.92
N ASP D 102 -29.29 6.68 17.60
CA ASP D 102 -30.62 6.41 17.04
C ASP D 102 -31.59 7.44 17.62
N VAL D 103 -32.56 7.88 16.81
CA VAL D 103 -33.77 8.60 17.30
C VAL D 103 -35.02 7.76 16.96
N GLY D 104 -36.12 7.96 17.68
CA GLY D 104 -37.42 7.33 17.42
C GLY D 104 -38.20 8.10 16.37
N SER D 105 -39.48 7.77 16.23
CA SER D 105 -40.44 8.36 15.26
C SER D 105 -40.61 9.85 15.50
N ASP D 106 -40.45 10.27 16.77
CA ASP D 106 -40.62 11.67 17.26
C ASP D 106 -39.26 12.39 17.20
N TRP D 107 -38.22 11.72 16.69
CA TRP D 107 -36.85 12.27 16.48
C TRP D 107 -36.16 12.56 17.82
N ARG D 108 -36.66 12.01 18.93
CA ARG D 108 -35.96 12.14 20.25
C ARG D 108 -34.96 10.99 20.41
N PHE D 109 -33.87 11.25 21.11
CA PHE D 109 -32.80 10.27 21.39
C PHE D 109 -33.41 8.94 21.89
N LEU D 110 -32.99 7.86 21.28
CA LEU D 110 -33.36 6.47 21.65
C LEU D 110 -32.15 5.76 22.24
N ARG D 111 -30.98 5.90 21.62
CA ARG D 111 -29.82 5.07 21.99
C ARG D 111 -28.53 5.64 21.38
N GLY D 112 -27.40 5.43 22.02
CA GLY D 112 -26.08 5.76 21.47
C GLY D 112 -25.16 4.55 21.46
N TYR D 113 -24.13 4.56 20.63
CA TYR D 113 -23.13 3.46 20.52
C TYR D 113 -21.75 4.06 20.41
N HIS D 114 -20.76 3.33 20.92
CA HIS D 114 -19.33 3.69 20.80
C HIS D 114 -18.49 2.48 21.13
N GLN D 115 -17.95 1.79 20.14
CA GLN D 115 -17.29 0.49 20.40
C GLN D 115 -16.16 0.24 19.42
N TYR D 116 -15.24 -0.64 19.81
CA TYR D 116 -14.03 -1.00 19.04
C TYR D 116 -13.94 -2.52 18.87
N ALA D 117 -13.24 -2.89 17.80
CA ALA D 117 -12.81 -4.27 17.52
C ALA D 117 -11.32 -4.25 17.21
N TYR D 118 -10.67 -5.36 17.44
CA TYR D 118 -9.26 -5.59 17.08
C TYR D 118 -9.17 -6.94 16.39
N ASP D 119 -8.64 -6.97 15.18
CA ASP D 119 -8.42 -8.22 14.43
C ASP D 119 -9.71 -9.06 14.41
N GLY D 120 -10.84 -8.40 14.17
CA GLY D 120 -12.13 -9.04 13.83
C GLY D 120 -12.91 -9.54 15.04
N LYS D 121 -12.57 -9.09 16.25
CA LYS D 121 -13.26 -9.49 17.50
C LYS D 121 -13.44 -8.25 18.39
N ASP D 122 -14.51 -8.26 19.19
CA ASP D 122 -14.83 -7.23 20.19
C ASP D 122 -13.55 -6.90 20.97
N TYR D 123 -13.33 -5.61 21.25
CA TYR D 123 -12.30 -5.12 22.17
C TYR D 123 -13.00 -4.47 23.36
N ILE D 124 -13.68 -3.34 23.12
CA ILE D 124 -14.38 -2.59 24.21
C ILE D 124 -15.61 -1.91 23.64
N ALA D 125 -16.65 -1.76 24.45
CA ALA D 125 -17.93 -1.16 24.02
C ALA D 125 -18.50 -0.31 25.14
N LEU D 126 -18.97 0.88 24.80
CA LEU D 126 -19.77 1.73 25.74
C LEU D 126 -21.11 1.03 25.93
N LYS D 127 -21.52 0.78 27.16
CA LYS D 127 -22.80 0.10 27.46
C LYS D 127 -23.95 1.08 27.21
N GLU D 128 -25.17 0.56 27.20
CA GLU D 128 -26.38 1.29 26.76
C GLU D 128 -26.62 2.51 27.69
N ASP D 129 -26.32 2.43 28.98
CA ASP D 129 -26.53 3.58 29.90
C ASP D 129 -25.57 4.72 29.49
N LEU D 130 -24.57 4.45 28.64
CA LEU D 130 -23.55 5.43 28.20
C LEU D 130 -22.78 5.97 29.42
N ARG D 131 -22.63 5.17 30.48
CA ARG D 131 -21.86 5.55 31.70
C ARG D 131 -20.80 4.49 32.03
N SER D 132 -20.88 3.30 31.45
CA SER D 132 -20.05 2.12 31.80
C SER D 132 -19.53 1.39 30.55
N TRP D 133 -18.51 0.56 30.72
CA TRP D 133 -17.77 -0.10 29.62
C TRP D 133 -17.86 -1.62 29.73
N THR D 134 -17.88 -2.31 28.59
CA THR D 134 -17.68 -3.78 28.52
C THR D 134 -16.34 -4.04 27.86
N ALA D 135 -15.40 -4.59 28.64
CA ALA D 135 -14.08 -5.08 28.17
C ALA D 135 -14.26 -6.53 27.76
N ALA D 136 -13.87 -6.88 26.55
CA ALA D 136 -14.08 -8.22 25.96
C ALA D 136 -13.09 -9.21 26.59
N ASP D 137 -11.95 -8.71 27.04
CA ASP D 137 -10.83 -9.57 27.51
C ASP D 137 -9.94 -8.77 28.47
N MET D 138 -8.88 -9.41 28.98
CA MET D 138 -7.97 -8.82 29.98
C MET D 138 -7.28 -7.58 29.39
N ALA D 139 -6.78 -7.64 28.17
CA ALA D 139 -6.11 -6.48 27.52
C ALA D 139 -7.05 -5.26 27.56
N ALA D 140 -8.32 -5.44 27.20
CA ALA D 140 -9.31 -4.34 27.13
C ALA D 140 -9.63 -3.79 28.52
N GLN D 141 -9.43 -4.56 29.59
CA GLN D 141 -9.63 -4.04 30.98
C GLN D 141 -8.67 -2.88 31.23
N THR D 142 -7.47 -2.90 30.63
CA THR D 142 -6.49 -1.80 30.77
C THR D 142 -7.12 -0.53 30.21
N THR D 143 -7.69 -0.60 29.02
CA THR D 143 -8.34 0.56 28.36
C THR D 143 -9.56 0.99 29.21
N LYS D 144 -10.33 0.02 29.73
CA LYS D 144 -11.55 0.30 30.52
C LYS D 144 -11.18 1.09 31.78
N HIS D 145 -10.15 0.65 32.51
CA HIS D 145 -9.67 1.35 33.73
C HIS D 145 -9.24 2.78 33.38
N LYS D 146 -8.46 2.95 32.30
CA LYS D 146 -7.99 4.27 31.78
C LYS D 146 -9.18 5.18 31.51
N TRP D 147 -10.16 4.72 30.72
CA TRP D 147 -11.32 5.53 30.27
C TRP D 147 -12.26 5.84 31.41
N GLU D 148 -12.37 4.96 32.42
CA GLU D 148 -13.16 5.22 33.65
C GLU D 148 -12.50 6.36 34.43
N ALA D 149 -11.20 6.27 34.67
CA ALA D 149 -10.46 7.26 35.50
C ALA D 149 -10.46 8.61 34.79
N ALA D 150 -10.56 8.65 33.47
CA ALA D 150 -10.50 9.90 32.67
C ALA D 150 -11.92 10.43 32.36
N HIS D 151 -12.97 9.73 32.79
CA HIS D 151 -14.38 10.17 32.63
C HIS D 151 -14.73 10.34 31.16
N VAL D 152 -14.22 9.47 30.31
CA VAL D 152 -14.47 9.51 28.84
C VAL D 152 -15.97 9.33 28.54
N ALA D 153 -16.66 8.45 29.26
CA ALA D 153 -18.09 8.11 29.04
C ALA D 153 -18.92 9.39 29.09
N GLU D 154 -18.63 10.28 30.02
CA GLU D 154 -19.42 11.52 30.22
C GLU D 154 -19.35 12.42 28.98
N GLN D 155 -18.18 12.51 28.34
CA GLN D 155 -18.01 13.34 27.12
C GLN D 155 -18.70 12.68 25.94
N LEU D 156 -18.57 11.37 25.81
CA LEU D 156 -19.23 10.61 24.74
C LEU D 156 -20.74 10.75 24.87
N ARG D 157 -21.25 10.64 26.09
CA ARG D 157 -22.68 10.73 26.43
C ARG D 157 -23.17 12.10 25.99
N ALA D 158 -22.40 13.15 26.30
CA ALA D 158 -22.69 14.55 25.90
C ALA D 158 -22.89 14.59 24.38
N TYR D 159 -21.97 14.03 23.60
CA TYR D 159 -22.02 14.02 22.12
C TYR D 159 -23.21 13.16 21.62
N LEU D 160 -23.36 11.94 22.13
CA LEU D 160 -24.36 10.96 21.60
C LEU D 160 -25.80 11.47 21.84
N GLU D 161 -26.07 12.12 22.97
CA GLU D 161 -27.42 12.62 23.36
C GLU D 161 -27.65 14.04 22.86
N GLY D 162 -26.59 14.76 22.48
CA GLY D 162 -26.66 16.17 22.10
C GLY D 162 -26.34 16.34 20.63
N THR D 163 -25.09 16.63 20.33
CA THR D 163 -24.56 16.91 18.99
C THR D 163 -25.04 15.83 18.01
N CYS D 164 -24.74 14.56 18.28
CA CYS D 164 -25.03 13.44 17.34
C CYS D 164 -26.51 13.49 16.91
N VAL D 165 -27.42 13.69 17.84
CA VAL D 165 -28.88 13.69 17.53
C VAL D 165 -29.26 15.00 16.88
N GLU D 166 -28.69 16.13 17.33
CA GLU D 166 -29.02 17.47 16.78
C GLU D 166 -28.60 17.50 15.31
N TRP D 167 -27.46 16.91 14.95
CA TRP D 167 -26.97 16.90 13.56
C TRP D 167 -27.71 15.85 12.74
N LEU D 168 -28.05 14.70 13.33
CA LEU D 168 -28.90 13.69 12.65
C LEU D 168 -30.23 14.37 12.26
N ARG D 169 -30.83 15.16 13.15
CA ARG D 169 -32.12 15.87 12.83
C ARG D 169 -31.93 16.85 11.68
N ARG D 170 -30.84 17.62 11.70
CA ARG D 170 -30.52 18.59 10.64
C ARG D 170 -30.46 17.85 9.30
N TYR D 171 -29.71 16.75 9.22
CA TYR D 171 -29.57 15.93 7.99
C TYR D 171 -30.94 15.40 7.53
N LEU D 172 -31.73 14.83 8.42
CA LEU D 172 -33.06 14.28 8.11
C LEU D 172 -33.96 15.37 7.52
N GLU D 173 -33.83 16.61 8.00
CA GLU D 173 -34.64 17.76 7.52
C GLU D 173 -34.08 18.25 6.17
N ASN D 174 -32.77 18.41 6.05
CA ASN D 174 -32.08 18.93 4.83
C ASN D 174 -32.16 17.87 3.71
N GLY D 175 -31.91 16.59 4.04
CA GLY D 175 -31.97 15.45 3.09
C GLY D 175 -33.34 14.80 3.02
N LYS D 176 -34.38 15.53 3.37
CA LYS D 176 -35.77 15.02 3.50
C LYS D 176 -36.13 14.09 2.32
N GLU D 177 -36.01 14.55 1.07
CA GLU D 177 -36.47 13.81 -0.14
C GLU D 177 -35.86 12.41 -0.18
N THR D 178 -34.62 12.28 0.25
CA THR D 178 -33.83 11.04 0.21
C THR D 178 -34.07 10.24 1.49
N LEU D 179 -33.98 10.89 2.64
CA LEU D 179 -33.86 10.20 3.96
C LEU D 179 -35.24 9.91 4.53
N GLN D 180 -36.21 10.77 4.35
CA GLN D 180 -37.57 10.62 4.93
C GLN D 180 -38.48 10.05 3.85
N ARG D 181 -38.10 8.94 3.28
CA ARG D 181 -38.85 8.25 2.21
C ARG D 181 -38.89 6.77 2.53
N THR D 182 -39.87 6.07 2.01
CA THR D 182 -39.89 4.61 1.95
C THR D 182 -40.16 4.22 0.49
N ASP D 183 -39.37 3.31 -0.05
CA ASP D 183 -39.64 2.68 -1.36
C ASP D 183 -40.16 1.30 -1.06
N ALA D 184 -41.45 1.06 -1.30
CA ALA D 184 -42.11 -0.24 -1.04
C ALA D 184 -41.46 -1.30 -1.95
N PRO D 185 -41.23 -2.52 -1.44
CA PRO D 185 -40.65 -3.57 -2.27
C PRO D 185 -41.58 -3.94 -3.44
N LYS D 186 -41.00 -4.08 -4.64
CA LYS D 186 -41.61 -4.73 -5.84
C LYS D 186 -41.40 -6.24 -5.66
N THR D 187 -42.48 -6.99 -5.47
CA THR D 187 -42.41 -8.42 -5.07
C THR D 187 -42.93 -9.29 -6.21
N HIS D 188 -42.33 -10.47 -6.39
CA HIS D 188 -42.80 -11.54 -7.30
C HIS D 188 -42.27 -12.90 -6.80
N MET D 189 -42.88 -13.98 -7.29
CA MET D 189 -42.51 -15.35 -6.93
C MET D 189 -42.15 -16.09 -8.21
N THR D 190 -41.03 -16.82 -8.21
CA THR D 190 -40.62 -17.72 -9.32
C THR D 190 -40.78 -19.17 -8.88
N HIS D 191 -40.84 -20.04 -9.86
CA HIS D 191 -41.08 -21.49 -9.70
C HIS D 191 -40.10 -22.22 -10.63
N HIS D 192 -39.24 -23.09 -10.08
CA HIS D 192 -38.34 -23.96 -10.87
C HIS D 192 -38.55 -25.41 -10.45
N ALA D 193 -38.90 -26.26 -11.42
CA ALA D 193 -38.97 -27.73 -11.28
C ALA D 193 -37.56 -28.28 -11.05
N VAL D 194 -37.24 -28.60 -9.80
CA VAL D 194 -35.96 -29.26 -9.39
C VAL D 194 -35.94 -30.69 -9.96
N SER D 195 -37.09 -31.37 -9.96
CA SER D 195 -37.30 -32.75 -10.47
C SER D 195 -38.79 -32.94 -10.75
N ASP D 196 -39.22 -34.17 -11.04
CA ASP D 196 -40.64 -34.54 -11.19
C ASP D 196 -41.33 -34.39 -9.82
N HIS D 197 -40.55 -34.42 -8.73
CA HIS D 197 -41.05 -34.59 -7.32
C HIS D 197 -41.00 -33.28 -6.51
N GLU D 198 -40.17 -32.32 -6.88
CA GLU D 198 -39.99 -31.09 -6.08
C GLU D 198 -39.88 -29.85 -6.98
N ALA D 199 -40.28 -28.70 -6.44
CA ALA D 199 -40.18 -27.38 -7.10
C ALA D 199 -39.63 -26.36 -6.09
N THR D 200 -38.75 -25.46 -6.54
CA THR D 200 -38.26 -24.32 -5.75
C THR D 200 -39.18 -23.13 -5.99
N LEU D 201 -39.80 -22.61 -4.94
CA LEU D 201 -40.52 -21.32 -4.97
C LEU D 201 -39.55 -20.27 -4.42
N ARG D 202 -39.22 -19.25 -5.20
CA ARG D 202 -38.38 -18.13 -4.73
C ARG D 202 -39.22 -16.86 -4.64
N CYS D 203 -39.30 -16.32 -3.43
CA CYS D 203 -39.99 -15.06 -3.11
C CYS D 203 -38.99 -13.90 -3.17
N TRP D 204 -39.24 -12.92 -4.04
CA TRP D 204 -38.37 -11.77 -4.37
C TRP D 204 -38.94 -10.47 -3.80
N ALA D 205 -38.05 -9.63 -3.28
CA ALA D 205 -38.32 -8.23 -2.91
C ALA D 205 -37.24 -7.35 -3.54
N LEU D 206 -37.63 -6.35 -4.35
CA LEU D 206 -36.71 -5.52 -5.13
C LEU D 206 -37.03 -4.05 -4.90
N SER D 207 -36.00 -3.19 -5.08
CA SER D 207 -36.07 -1.71 -5.08
C SER D 207 -36.72 -1.16 -3.81
N PHE D 208 -36.43 -1.70 -2.63
CA PHE D 208 -37.00 -1.19 -1.35
C PHE D 208 -35.93 -0.38 -0.58
N TYR D 209 -36.43 0.56 0.20
CA TYR D 209 -35.69 1.41 1.15
C TYR D 209 -36.67 1.74 2.26
N PRO D 210 -36.26 1.68 3.55
CA PRO D 210 -34.90 1.25 3.95
C PRO D 210 -34.60 -0.25 3.75
N ALA D 211 -33.40 -0.69 4.15
CA ALA D 211 -32.91 -2.08 3.94
C ALA D 211 -33.67 -3.08 4.82
N GLU D 212 -34.05 -2.69 6.02
CA GLU D 212 -34.89 -3.50 6.98
C GLU D 212 -36.08 -4.19 6.23
N ILE D 213 -36.12 -5.51 6.27
CA ILE D 213 -37.26 -6.29 5.66
C ILE D 213 -37.34 -7.69 6.29
N THR D 214 -38.53 -8.27 6.32
CA THR D 214 -38.76 -9.68 6.74
C THR D 214 -39.49 -10.43 5.62
N LEU D 215 -38.87 -11.47 5.08
CA LEU D 215 -39.51 -12.44 4.15
C LEU D 215 -39.63 -13.75 4.89
N THR D 216 -40.83 -14.26 5.11
CA THR D 216 -41.03 -15.57 5.76
C THR D 216 -41.92 -16.43 4.86
N TRP D 217 -41.70 -17.73 4.88
CA TRP D 217 -42.57 -18.73 4.23
C TRP D 217 -43.51 -19.33 5.27
N GLN D 218 -44.76 -19.54 4.90
CA GLN D 218 -45.72 -20.33 5.70
C GLN D 218 -46.25 -21.47 4.85
N ARG D 219 -46.69 -22.56 5.49
CA ARG D 219 -47.41 -23.66 4.81
C ARG D 219 -48.77 -23.82 5.51
N ASP D 220 -49.87 -23.60 4.77
CA ASP D 220 -51.24 -23.52 5.33
C ASP D 220 -51.23 -22.55 6.53
N GLY D 221 -50.44 -21.47 6.44
CA GLY D 221 -50.34 -20.40 7.45
C GLY D 221 -49.62 -20.82 8.73
N GLU D 222 -48.88 -21.92 8.71
CA GLU D 222 -47.96 -22.35 9.80
C GLU D 222 -46.53 -22.02 9.35
N ASP D 223 -45.72 -21.50 10.28
CA ASP D 223 -44.36 -20.97 9.95
C ASP D 223 -43.51 -22.14 9.46
N GLN D 224 -42.73 -21.87 8.42
CA GLN D 224 -41.97 -22.87 7.65
C GLN D 224 -40.52 -22.41 7.56
N THR D 225 -39.65 -23.07 8.31
CA THR D 225 -38.18 -22.88 8.30
C THR D 225 -37.51 -24.06 7.57
N GLN D 226 -38.08 -25.27 7.68
CA GLN D 226 -37.58 -26.49 7.00
C GLN D 226 -37.56 -26.26 5.48
N ASP D 227 -36.48 -26.68 4.83
CA ASP D 227 -36.30 -26.67 3.35
C ASP D 227 -36.38 -25.22 2.81
N THR D 228 -36.01 -24.21 3.61
CA THR D 228 -35.98 -22.78 3.19
C THR D 228 -34.52 -22.32 2.98
N GLU D 229 -34.35 -21.23 2.23
CA GLU D 229 -33.05 -20.56 2.01
C GLU D 229 -33.32 -19.06 1.89
N LEU D 230 -32.46 -18.24 2.48
CA LEU D 230 -32.63 -16.78 2.67
C LEU D 230 -31.27 -16.12 2.44
N VAL D 231 -31.12 -15.27 1.43
CA VAL D 231 -29.84 -14.53 1.21
C VAL D 231 -29.88 -13.23 2.02
N GLU D 232 -28.69 -12.74 2.35
CA GLU D 232 -28.45 -11.40 2.94
C GLU D 232 -29.09 -10.35 2.03
N THR D 233 -29.77 -9.38 2.64
CA THR D 233 -30.26 -8.18 1.95
C THR D 233 -29.06 -7.52 1.27
N ARG D 234 -29.20 -7.16 0.00
CA ARG D 234 -28.05 -6.73 -0.84
C ARG D 234 -28.42 -5.41 -1.52
N PRO D 235 -27.42 -4.52 -1.71
CA PRO D 235 -27.68 -3.25 -2.37
C PRO D 235 -27.81 -3.44 -3.89
N ALA D 236 -28.81 -2.79 -4.49
CA ALA D 236 -29.07 -2.78 -5.96
C ALA D 236 -28.06 -1.82 -6.63
N GLY D 237 -27.58 -0.83 -5.88
CA GLY D 237 -26.52 0.09 -6.32
C GLY D 237 -27.07 1.46 -6.69
N ASP D 238 -28.37 1.68 -6.45
CA ASP D 238 -29.09 2.94 -6.78
C ASP D 238 -29.75 3.49 -5.51
N GLY D 239 -29.26 3.06 -4.34
CA GLY D 239 -29.77 3.43 -3.00
C GLY D 239 -30.97 2.60 -2.57
N THR D 240 -31.31 1.53 -3.30
CA THR D 240 -32.37 0.53 -2.90
C THR D 240 -31.73 -0.83 -2.64
N PHE D 241 -32.52 -1.75 -2.10
CA PHE D 241 -32.07 -3.08 -1.63
C PHE D 241 -32.94 -4.17 -2.24
N GLN D 242 -32.38 -5.38 -2.23
CA GLN D 242 -32.97 -6.60 -2.79
C GLN D 242 -32.82 -7.71 -1.76
N LYS D 243 -33.74 -8.64 -1.77
CA LYS D 243 -33.69 -9.86 -0.94
C LYS D 243 -34.58 -10.92 -1.57
N TRP D 244 -34.22 -12.19 -1.41
CA TRP D 244 -35.13 -13.31 -1.70
C TRP D 244 -35.08 -14.35 -0.59
N ALA D 245 -36.16 -15.11 -0.49
CA ALA D 245 -36.35 -16.32 0.35
C ALA D 245 -36.90 -17.44 -0.56
N ALA D 246 -36.35 -18.65 -0.50
CA ALA D 246 -36.80 -19.80 -1.31
C ALA D 246 -37.21 -20.96 -0.39
N VAL D 247 -38.04 -21.84 -0.89
CA VAL D 247 -38.47 -23.09 -0.21
C VAL D 247 -38.59 -24.16 -1.29
N VAL D 248 -38.12 -25.38 -1.00
CA VAL D 248 -38.29 -26.57 -1.86
C VAL D 248 -39.53 -27.34 -1.35
N VAL D 249 -40.49 -27.56 -2.24
CA VAL D 249 -41.83 -28.08 -1.88
C VAL D 249 -42.14 -29.30 -2.75
N PRO D 250 -42.93 -30.26 -2.23
CA PRO D 250 -43.41 -31.37 -3.04
C PRO D 250 -44.25 -30.84 -4.22
N SER D 251 -44.06 -31.43 -5.40
CA SER D 251 -44.89 -31.20 -6.61
C SER D 251 -46.35 -31.36 -6.23
N GLY D 252 -47.19 -30.42 -6.65
CA GLY D 252 -48.65 -30.48 -6.43
C GLY D 252 -49.05 -30.01 -5.04
N GLN D 253 -48.10 -29.47 -4.26
CA GLN D 253 -48.42 -28.89 -2.92
C GLN D 253 -47.96 -27.42 -2.91
N GLU D 254 -47.61 -26.85 -4.09
CA GLU D 254 -47.14 -25.44 -4.20
C GLU D 254 -48.16 -24.50 -3.56
N GLN D 255 -49.44 -24.76 -3.75
CA GLN D 255 -50.51 -23.79 -3.42
C GLN D 255 -50.73 -23.73 -1.90
N ARG D 256 -50.11 -24.63 -1.12
CA ARG D 256 -50.19 -24.59 0.36
C ARG D 256 -49.28 -23.49 0.93
N TYR D 257 -48.33 -23.01 0.13
CA TYR D 257 -47.20 -22.15 0.58
C TYR D 257 -47.49 -20.69 0.24
N THR D 258 -47.24 -19.85 1.23
CA THR D 258 -47.36 -18.37 1.15
C THR D 258 -46.04 -17.75 1.58
N CYS D 259 -45.62 -16.73 0.87
CA CYS D 259 -44.50 -15.85 1.26
C CYS D 259 -45.08 -14.58 1.89
N HIS D 260 -44.58 -14.19 3.05
CA HIS D 260 -45.05 -13.01 3.79
C HIS D 260 -43.93 -11.95 3.77
N VAL D 261 -44.25 -10.74 3.31
CA VAL D 261 -43.30 -9.59 3.20
C VAL D 261 -43.71 -8.50 4.19
N GLN D 262 -42.81 -8.12 5.09
CA GLN D 262 -42.98 -6.94 6.00
C GLN D 262 -41.89 -5.91 5.69
N HIS D 263 -42.31 -4.68 5.42
CA HIS D 263 -41.46 -3.50 5.13
C HIS D 263 -42.23 -2.25 5.52
N GLU D 264 -41.56 -1.22 6.03
CA GLU D 264 -42.26 -0.01 6.56
C GLU D 264 -42.85 0.80 5.40
N GLY D 265 -42.46 0.51 4.16
CA GLY D 265 -43.02 1.14 2.94
C GLY D 265 -44.36 0.56 2.53
N LEU D 266 -44.81 -0.52 3.20
CA LEU D 266 -46.11 -1.18 2.89
C LEU D 266 -47.17 -0.78 3.92
N PRO D 267 -48.31 -0.20 3.47
CA PRO D 267 -49.43 0.06 4.37
C PRO D 267 -49.81 -1.20 5.16
N LYS D 268 -49.70 -2.36 4.51
CA LYS D 268 -50.09 -3.67 5.08
C LYS D 268 -49.09 -4.71 4.59
N PRO D 269 -48.68 -5.69 5.43
CA PRO D 269 -47.78 -6.76 4.97
C PRO D 269 -48.40 -7.49 3.76
N LEU D 270 -47.58 -7.95 2.84
CA LEU D 270 -48.01 -8.68 1.62
C LEU D 270 -47.95 -10.19 1.85
N THR D 271 -48.86 -10.93 1.18
CA THR D 271 -48.87 -12.40 1.08
C THR D 271 -48.83 -12.77 -0.40
N LEU D 272 -47.81 -13.52 -0.83
CA LEU D 272 -47.67 -14.03 -2.23
C LEU D 272 -47.94 -15.53 -2.23
N ARG D 273 -48.61 -16.00 -3.26
CA ARG D 273 -49.04 -17.42 -3.42
C ARG D 273 -48.70 -17.84 -4.85
N TRP D 274 -48.06 -19.00 -5.03
CA TRP D 274 -47.93 -19.61 -6.37
C TRP D 274 -49.30 -20.11 -6.81
N GLU D 275 -49.67 -19.85 -8.05
CA GLU D 275 -50.84 -20.47 -8.74
C GLU D 275 -50.41 -20.86 -10.15
N PRO D 276 -50.53 -22.16 -10.54
CA PRO D 276 -50.02 -22.66 -11.82
C PRO D 276 -49.81 -21.63 -12.96
N MET E 1 -6.88 -13.38 16.54
CA MET E 1 -7.32 -12.83 15.25
C MET E 1 -8.37 -13.76 14.62
N ILE E 2 -9.47 -13.18 14.19
CA ILE E 2 -10.60 -13.88 13.57
C ILE E 2 -10.53 -13.62 12.07
N GLN E 3 -10.63 -14.66 11.25
CA GLN E 3 -10.78 -14.54 9.79
C GLN E 3 -12.12 -15.12 9.38
N ARG E 4 -12.74 -14.52 8.37
CA ARG E 4 -14.04 -14.96 7.82
C ARG E 4 -13.99 -14.87 6.31
N THR E 5 -14.49 -15.91 5.65
CA THR E 5 -14.45 -16.06 4.18
C THR E 5 -15.63 -15.27 3.61
N PRO E 6 -15.48 -14.54 2.50
CA PRO E 6 -16.59 -13.78 1.95
C PRO E 6 -17.74 -14.64 1.42
N LYS E 7 -18.96 -14.22 1.69
CA LYS E 7 -20.18 -14.59 0.98
C LYS E 7 -20.23 -13.74 -0.29
N ILE E 8 -20.57 -14.38 -1.40
CA ILE E 8 -20.59 -13.73 -2.73
C ILE E 8 -21.98 -13.87 -3.32
N GLN E 9 -22.54 -12.77 -3.80
CA GLN E 9 -23.76 -12.75 -4.61
C GLN E 9 -23.49 -11.94 -5.89
N VAL E 10 -23.80 -12.49 -7.04
CA VAL E 10 -23.67 -11.77 -8.34
C VAL E 10 -25.06 -11.71 -8.96
N TYR E 11 -25.44 -10.51 -9.42
CA TYR E 11 -26.82 -10.17 -9.77
C TYR E 11 -26.83 -8.80 -10.43
N SER E 12 -27.96 -8.45 -11.03
CA SER E 12 -28.16 -7.20 -11.78
C SER E 12 -28.99 -6.26 -10.94
N ARG E 13 -28.77 -4.96 -11.10
CA ARG E 13 -29.52 -3.91 -10.39
C ARG E 13 -31.02 -4.04 -10.70
N HIS E 14 -31.33 -4.26 -11.97
CA HIS E 14 -32.71 -4.39 -12.52
C HIS E 14 -32.88 -5.78 -13.13
N PRO E 15 -34.12 -6.27 -13.23
CA PRO E 15 -34.38 -7.53 -13.91
C PRO E 15 -33.76 -7.53 -15.32
N ALA E 16 -32.97 -8.54 -15.63
CA ALA E 16 -32.21 -8.65 -16.89
C ALA E 16 -33.17 -8.87 -18.07
N GLU E 17 -33.01 -8.03 -19.09
CA GLU E 17 -33.63 -8.16 -20.43
C GLU E 17 -32.50 -8.11 -21.46
N ASN E 18 -32.44 -9.10 -22.34
CA ASN E 18 -31.43 -9.19 -23.42
C ASN E 18 -31.49 -7.92 -24.28
N GLY E 19 -30.36 -7.22 -24.41
CA GLY E 19 -30.19 -6.05 -25.28
C GLY E 19 -30.54 -4.75 -24.58
N LYS E 20 -30.86 -4.83 -23.29
CA LYS E 20 -31.28 -3.66 -22.49
C LYS E 20 -30.20 -3.36 -21.43
N SER E 21 -29.69 -2.14 -21.43
CA SER E 21 -28.59 -1.64 -20.56
C SER E 21 -28.96 -1.88 -19.09
N ASN E 22 -27.99 -2.26 -18.25
CA ASN E 22 -28.23 -2.65 -16.83
C ASN E 22 -26.93 -2.42 -16.05
N PHE E 23 -26.86 -2.88 -14.80
CA PHE E 23 -25.64 -2.92 -13.97
C PHE E 23 -25.43 -4.33 -13.42
N LEU E 24 -24.23 -4.86 -13.60
CA LEU E 24 -23.78 -6.14 -13.03
C LEU E 24 -23.17 -5.87 -11.67
N ASN E 25 -23.67 -6.55 -10.64
CA ASN E 25 -23.22 -6.37 -9.23
C ASN E 25 -22.55 -7.66 -8.75
N CYS E 26 -21.48 -7.50 -8.01
CA CYS E 26 -20.94 -8.55 -7.14
C CYS E 26 -20.84 -7.99 -5.72
N TYR E 27 -21.68 -8.47 -4.82
CA TYR E 27 -21.72 -8.08 -3.39
C TYR E 27 -20.96 -9.11 -2.57
N VAL E 28 -19.88 -8.69 -1.94
CA VAL E 28 -19.03 -9.52 -1.04
C VAL E 28 -19.24 -9.02 0.38
N SER E 29 -19.53 -9.91 1.31
CA SER E 29 -19.94 -9.57 2.70
C SER E 29 -19.50 -10.67 3.67
N GLY E 30 -19.48 -10.34 4.96
CA GLY E 30 -19.15 -11.25 6.07
C GLY E 30 -17.68 -11.66 6.06
N PHE E 31 -16.77 -10.86 5.49
CA PHE E 31 -15.34 -11.24 5.40
C PHE E 31 -14.47 -10.42 6.37
N HIS E 32 -13.34 -11.01 6.73
CA HIS E 32 -12.27 -10.47 7.60
C HIS E 32 -11.02 -11.28 7.34
N PRO E 33 -9.84 -10.66 7.09
CA PRO E 33 -9.71 -9.20 7.11
C PRO E 33 -10.26 -8.51 5.84
N SER E 34 -10.04 -7.20 5.71
CA SER E 34 -10.66 -6.30 4.69
C SER E 34 -10.00 -6.43 3.30
N ASP E 35 -8.77 -6.91 3.24
CA ASP E 35 -8.00 -7.10 1.99
C ASP E 35 -8.69 -8.15 1.11
N ILE E 36 -9.11 -7.78 -0.10
CA ILE E 36 -9.91 -8.67 -0.98
C ILE E 36 -9.72 -8.27 -2.45
N GLU E 37 -9.76 -9.24 -3.33
CA GLU E 37 -9.60 -9.08 -4.79
C GLU E 37 -10.90 -9.51 -5.47
N VAL E 38 -11.62 -8.57 -6.09
CA VAL E 38 -12.91 -8.83 -6.77
C VAL E 38 -12.81 -8.40 -8.23
N ASP E 39 -13.19 -9.30 -9.14
CA ASP E 39 -13.27 -9.03 -10.60
C ASP E 39 -14.64 -9.45 -11.12
N LEU E 40 -15.21 -8.67 -12.03
CA LEU E 40 -16.36 -9.09 -12.85
C LEU E 40 -15.82 -9.66 -14.16
N LEU E 41 -16.33 -10.83 -14.56
CA LEU E 41 -15.93 -11.57 -15.78
C LEU E 41 -17.07 -11.54 -16.79
N LYS E 42 -16.71 -11.44 -18.06
CA LYS E 42 -17.59 -11.60 -19.24
C LYS E 42 -16.99 -12.71 -20.10
N ASN E 43 -17.67 -13.85 -20.21
CA ASN E 43 -17.21 -15.06 -20.95
C ASN E 43 -15.80 -15.44 -20.50
N GLY E 44 -15.52 -15.32 -19.20
CA GLY E 44 -14.27 -15.79 -18.57
C GLY E 44 -13.19 -14.71 -18.54
N GLU E 45 -13.41 -13.54 -19.18
CA GLU E 45 -12.42 -12.44 -19.26
C GLU E 45 -12.80 -11.31 -18.30
N ARG E 46 -11.81 -10.70 -17.66
CA ARG E 46 -11.98 -9.61 -16.66
C ARG E 46 -12.58 -8.37 -17.32
N ILE E 47 -13.64 -7.80 -16.74
CA ILE E 47 -14.15 -6.45 -17.14
C ILE E 47 -13.17 -5.43 -16.55
N GLU E 48 -12.58 -4.56 -17.39
CA GLU E 48 -11.53 -3.60 -16.93
C GLU E 48 -12.17 -2.41 -16.20
N LYS E 49 -13.39 -2.03 -16.57
CA LYS E 49 -14.14 -0.92 -15.92
C LYS E 49 -15.02 -1.48 -14.80
N VAL E 50 -14.54 -1.46 -13.57
CA VAL E 50 -15.30 -1.95 -12.38
C VAL E 50 -15.11 -0.96 -11.26
N GLU E 51 -16.19 -0.47 -10.71
CA GLU E 51 -16.20 0.43 -9.54
C GLU E 51 -16.58 -0.35 -8.28
N HIS E 52 -16.29 0.22 -7.12
CA HIS E 52 -16.70 -0.39 -5.83
C HIS E 52 -17.04 0.69 -4.82
N SER E 53 -17.88 0.30 -3.86
CA SER E 53 -18.34 1.11 -2.73
C SER E 53 -17.18 1.37 -1.77
N ASP E 54 -17.41 2.23 -0.79
CA ASP E 54 -16.43 2.57 0.29
C ASP E 54 -16.49 1.46 1.36
N LEU E 55 -15.33 0.95 1.77
CA LEU E 55 -15.25 -0.17 2.73
C LEU E 55 -16.08 0.18 3.95
N SER E 56 -17.04 -0.67 4.31
CA SER E 56 -17.85 -0.55 5.53
C SER E 56 -18.02 -1.94 6.18
N PHE E 57 -18.65 -2.00 7.34
CA PHE E 57 -18.75 -3.25 8.12
C PHE E 57 -20.07 -3.27 8.89
N SER E 58 -20.44 -4.49 9.27
CA SER E 58 -21.70 -4.81 9.97
C SER E 58 -21.45 -4.82 11.48
N LYS E 59 -22.53 -5.02 12.24
CA LYS E 59 -22.55 -5.15 13.70
C LYS E 59 -21.46 -6.13 14.14
N ASP E 60 -21.29 -7.26 13.42
CA ASP E 60 -20.36 -8.35 13.81
C ASP E 60 -18.92 -8.02 13.37
N TRP E 61 -18.69 -6.83 12.79
CA TRP E 61 -17.36 -6.27 12.40
C TRP E 61 -16.91 -6.82 11.04
N SER E 62 -17.69 -7.70 10.42
CA SER E 62 -17.37 -8.28 9.10
C SER E 62 -17.57 -7.21 8.04
N PHE E 63 -16.71 -7.19 7.02
CA PHE E 63 -16.72 -6.15 5.98
C PHE E 63 -17.71 -6.51 4.86
N TYR E 64 -18.17 -5.49 4.12
CA TYR E 64 -18.91 -5.64 2.85
C TYR E 64 -18.47 -4.56 1.85
N LEU E 65 -18.44 -4.96 0.57
CA LEU E 65 -18.18 -4.09 -0.61
C LEU E 65 -19.17 -4.47 -1.73
N LEU E 66 -19.60 -3.48 -2.52
CA LEU E 66 -20.33 -3.70 -3.78
C LEU E 66 -19.40 -3.30 -4.93
N TYR E 67 -19.07 -4.28 -5.77
CA TYR E 67 -18.37 -4.14 -7.08
C TYR E 67 -19.44 -4.13 -8.18
N TYR E 68 -19.34 -3.20 -9.14
CA TYR E 68 -20.39 -2.98 -10.16
C TYR E 68 -19.79 -2.35 -11.41
N THR E 69 -20.49 -2.59 -12.51
CA THR E 69 -20.18 -2.05 -13.84
C THR E 69 -21.47 -2.02 -14.65
N GLU E 70 -21.63 -0.99 -15.46
CA GLU E 70 -22.70 -0.92 -16.47
C GLU E 70 -22.45 -2.06 -17.46
N PHE E 71 -23.52 -2.71 -17.93
CA PHE E 71 -23.45 -3.81 -18.93
C PHE E 71 -24.83 -4.03 -19.56
N THR E 72 -24.81 -4.61 -20.75
CA THR E 72 -26.00 -4.98 -21.55
C THR E 72 -26.00 -6.49 -21.71
N PRO E 73 -26.82 -7.22 -20.95
CA PRO E 73 -26.87 -8.67 -21.05
C PRO E 73 -27.41 -9.09 -22.44
N THR E 74 -26.89 -10.18 -22.97
CA THR E 74 -27.43 -10.85 -24.18
C THR E 74 -27.62 -12.34 -23.86
N GLU E 75 -28.19 -13.06 -24.80
CA GLU E 75 -28.47 -14.51 -24.70
C GLU E 75 -27.15 -15.27 -24.49
N LYS E 76 -26.14 -14.98 -25.31
CA LYS E 76 -24.90 -15.80 -25.48
C LYS E 76 -23.86 -15.42 -24.43
N ASP E 77 -23.92 -14.19 -23.90
CA ASP E 77 -22.92 -13.63 -22.96
C ASP E 77 -23.21 -14.15 -21.56
N GLU E 78 -22.21 -14.75 -20.91
CA GLU E 78 -22.34 -15.16 -19.50
C GLU E 78 -21.36 -14.33 -18.67
N TYR E 79 -21.68 -14.19 -17.40
CA TYR E 79 -21.00 -13.27 -16.47
C TYR E 79 -20.76 -13.98 -15.16
N ALA E 80 -19.80 -13.47 -14.41
CA ALA E 80 -19.32 -14.08 -13.17
C ALA E 80 -18.59 -13.04 -12.32
N CYS E 81 -18.41 -13.38 -11.07
CA CYS E 81 -17.62 -12.61 -10.10
C CYS E 81 -16.48 -13.53 -9.62
N ARG E 82 -15.24 -13.08 -9.73
CA ARG E 82 -14.05 -13.82 -9.25
C ARG E 82 -13.53 -13.11 -8.00
N VAL E 83 -13.45 -13.84 -6.88
CA VAL E 83 -13.08 -13.29 -5.54
C VAL E 83 -11.87 -14.03 -5.01
N ASN E 84 -10.81 -13.31 -4.62
CA ASN E 84 -9.68 -13.89 -3.88
C ASN E 84 -9.57 -13.20 -2.51
N HIS E 85 -9.28 -14.00 -1.49
CA HIS E 85 -9.15 -13.60 -0.08
C HIS E 85 -8.14 -14.53 0.57
N VAL E 86 -7.59 -14.13 1.70
CA VAL E 86 -6.59 -14.95 2.45
C VAL E 86 -7.23 -16.27 2.86
N THR E 87 -8.56 -16.34 3.02
CA THR E 87 -9.30 -17.54 3.49
C THR E 87 -9.45 -18.56 2.36
N LEU E 88 -9.13 -18.18 1.11
CA LEU E 88 -9.34 -19.02 -0.10
C LEU E 88 -8.00 -19.48 -0.66
N SER E 89 -7.85 -20.77 -0.93
CA SER E 89 -6.63 -21.37 -1.52
C SER E 89 -6.55 -21.01 -3.01
N GLN E 90 -7.69 -20.76 -3.63
CA GLN E 90 -7.79 -20.39 -5.07
C GLN E 90 -8.92 -19.40 -5.24
N PRO E 91 -8.89 -18.52 -6.27
CA PRO E 91 -9.98 -17.56 -6.47
C PRO E 91 -11.29 -18.31 -6.70
N LYS E 92 -12.37 -17.87 -6.06
CA LYS E 92 -13.73 -18.44 -6.20
C LYS E 92 -14.47 -17.69 -7.32
N ILE E 93 -14.95 -18.43 -8.34
CA ILE E 93 -15.78 -17.86 -9.43
C ILE E 93 -17.25 -18.23 -9.15
N VAL E 94 -18.12 -17.22 -9.06
CA VAL E 94 -19.59 -17.38 -8.94
C VAL E 94 -20.22 -16.85 -10.22
N LYS E 95 -20.90 -17.70 -10.97
CA LYS E 95 -21.53 -17.37 -12.27
C LYS E 95 -22.81 -16.60 -11.99
N TRP E 96 -23.09 -15.57 -12.78
CA TRP E 96 -24.37 -14.84 -12.72
C TRP E 96 -25.50 -15.77 -13.21
N ASP E 97 -26.50 -16.03 -12.36
CA ASP E 97 -27.71 -16.83 -12.73
C ASP E 97 -28.89 -15.87 -12.80
N ARG E 98 -29.15 -15.32 -13.97
CA ARG E 98 -30.20 -14.31 -14.19
C ARG E 98 -31.55 -14.87 -13.72
N ASP E 99 -31.97 -16.00 -14.30
CA ASP E 99 -33.38 -16.48 -14.27
C ASP E 99 -33.66 -17.27 -12.98
N MET E 100 -33.29 -16.79 -11.79
CA MET E 100 -33.68 -17.43 -10.50
C MET E 100 -34.77 -16.60 -9.82
N LEU F 1 -22.24 14.69 11.91
CA LEU F 1 -21.07 15.44 12.47
C LEU F 1 -20.22 14.53 13.36
N LEU F 2 -18.91 14.48 13.11
CA LEU F 2 -17.92 13.67 13.88
C LEU F 2 -17.72 14.24 15.28
N LEU F 3 -17.31 13.38 16.21
CA LEU F 3 -16.70 13.73 17.51
C LEU F 3 -15.52 14.70 17.26
N GLY F 4 -15.42 15.77 18.07
CA GLY F 4 -14.34 16.81 18.01
C GLY F 4 -13.25 16.62 19.07
N ILE F 5 -13.23 15.45 19.72
CA ILE F 5 -12.21 15.03 20.72
C ILE F 5 -11.68 13.65 20.29
N GLY F 6 -10.49 13.31 20.72
CA GLY F 6 -9.87 12.01 20.44
C GLY F 6 -9.72 11.21 21.71
N ILE F 7 -9.89 9.90 21.62
CA ILE F 7 -9.51 8.98 22.73
C ILE F 7 -8.59 7.94 22.15
N LEU F 8 -7.93 7.25 23.06
CA LEU F 8 -6.83 6.33 22.76
C LEU F 8 -6.98 5.11 23.64
N VAL F 9 -6.97 3.92 23.04
CA VAL F 9 -7.04 2.66 23.82
C VAL F 9 -5.77 2.57 24.67
#